data_2XZ5
#
_entry.id   2XZ5
#
_cell.length_a   82.123
_cell.length_b   119.405
_cell.length_c   267.744
_cell.angle_alpha   90.00
_cell.angle_beta   90.00
_cell.angle_gamma   90.00
#
_symmetry.space_group_name_H-M   'C 2 2 21'
#
loop_
_entity.id
_entity.type
_entity.pdbx_description
1 polymer 'SOLUBLE ACETYLCHOLINE RECEPTOR'
2 non-polymer ACETYLCHOLINE
3 non-polymer 'CHLORIDE ION'
4 non-polymer 'PHOSPHATE ION'
5 non-polymer (4S)-2-METHYL-2,4-PENTANEDIOL
6 non-polymer 2-acetamido-2-deoxy-beta-D-glucopyranose
7 water water
#
_entity_poly.entity_id   1
_entity_poly.type   'polypeptide(L)'
_entity_poly.pdbx_seq_one_letter_code
;QANLMRLKSDLFNRSPMYPGPTKDDPLTVTLGFTLQDIVKVDSSTNEVDLVY(SCH)EQQRWKLNSLMWDPNEYGNITDF
RTSAADIWTPDITAYSSTRPVQVLSPQIAVVTHDGSVMFIPAQRLSFMCDPTGVDSEEGVTCAVKFGSWVYSGFEIDLKT
DTDQVDLSSYYASSKYEILSATQTRQVQHYSCCPEPYIDVNLVVKFRERRAGNGFFRNLFD
;
_entity_poly.pdbx_strand_id   A,B,C,D,E
#
loop_
_chem_comp.id
_chem_comp.type
_chem_comp.name
_chem_comp.formula
ACH non-polymer ACETYLCHOLINE 'C7 H16 N O2 1'
CL non-polymer 'CHLORIDE ION' 'Cl -1'
MPD non-polymer (4S)-2-METHYL-2,4-PENTANEDIOL 'C6 H14 O2'
NAG D-saccharide, beta linking 2-acetamido-2-deoxy-beta-D-glucopyranose 'C8 H15 N O6'
PO4 non-polymer 'PHOSPHATE ION' 'O4 P -3'
#
# COMPACT_ATOMS: atom_id res chain seq x y z
N GLN A 1 20.57 16.14 24.17
CA GLN A 1 19.63 16.25 23.05
C GLN A 1 19.95 17.47 22.20
N ALA A 2 20.27 18.61 22.87
CA ALA A 2 20.63 19.90 22.28
C ALA A 2 21.76 19.79 21.26
N ASN A 3 22.88 19.14 21.65
CA ASN A 3 24.04 18.90 20.79
C ASN A 3 23.69 18.10 19.53
N LEU A 4 22.95 16.98 19.68
CA LEU A 4 22.58 16.15 18.55
C LEU A 4 21.64 16.92 17.60
N MET A 5 20.67 17.64 18.18
CA MET A 5 19.72 18.48 17.45
C MET A 5 20.49 19.49 16.59
N ARG A 6 21.54 20.12 17.18
CA ARG A 6 22.42 21.07 16.52
C ARG A 6 23.21 20.39 15.39
N LEU A 7 23.84 19.23 15.67
CA LEU A 7 24.64 18.50 14.69
C LEU A 7 23.81 18.16 13.47
N LYS A 8 22.63 17.56 13.69
CA LYS A 8 21.70 17.18 12.64
C LYS A 8 21.27 18.41 11.82
N SER A 9 21.00 19.53 12.51
CA SER A 9 20.64 20.78 11.85
C SER A 9 21.79 21.27 10.97
N ASP A 10 23.03 21.30 11.52
CA ASP A 10 24.21 21.77 10.79
C ASP A 10 24.59 20.85 9.63
N LEU A 11 24.42 19.52 9.76
CA LEU A 11 24.75 18.59 8.67
C LEU A 11 23.80 18.74 7.50
N PHE A 12 22.52 19.07 7.78
CA PHE A 12 21.45 19.29 6.79
C PHE A 12 21.61 20.65 6.08
N ASN A 13 21.93 21.72 6.82
CA ASN A 13 22.08 23.10 6.32
C ASN A 13 23.41 23.36 5.60
N ARG A 14 24.48 22.57 5.94
CA ARG A 14 25.85 22.68 5.42
C ARG A 14 25.92 22.65 3.90
N SER A 15 24.95 21.96 3.26
CA SER A 15 24.81 21.74 1.83
C SER A 15 23.40 21.15 1.52
N PRO A 16 22.80 21.44 0.33
CA PRO A 16 21.50 20.82 -0.02
C PRO A 16 21.63 19.29 -0.15
N MET A 17 20.52 18.56 -0.29
CA MET A 17 20.55 17.09 -0.39
C MET A 17 21.64 16.63 -1.40
N TYR A 18 22.50 15.68 -0.95
CA TYR A 18 23.57 15.05 -1.71
C TYR A 18 22.98 14.45 -3.01
N PRO A 19 23.50 14.80 -4.21
CA PRO A 19 22.86 14.32 -5.44
C PRO A 19 23.25 12.91 -5.89
N GLY A 20 23.94 12.18 -5.02
CA GLY A 20 24.42 10.85 -5.35
C GLY A 20 25.82 10.91 -5.93
N PRO A 21 26.49 9.75 -6.12
CA PRO A 21 27.86 9.78 -6.67
C PRO A 21 27.91 10.17 -8.15
N THR A 22 29.13 10.51 -8.61
CA THR A 22 29.42 10.84 -10.00
C THR A 22 30.73 10.17 -10.41
N LYS A 23 31.07 10.21 -11.72
CA LYS A 23 32.31 9.66 -12.26
C LYS A 23 33.51 10.33 -11.54
N ASP A 24 33.36 11.64 -11.26
CA ASP A 24 34.29 12.53 -10.56
C ASP A 24 34.30 12.32 -9.04
N ASP A 25 33.16 11.91 -8.46
CA ASP A 25 33.03 11.67 -7.02
C ASP A 25 32.43 10.28 -6.81
N PRO A 26 33.21 9.20 -7.09
CA PRO A 26 32.62 7.84 -6.96
C PRO A 26 32.51 7.38 -5.51
N LEU A 27 31.75 6.32 -5.32
CA LEU A 27 31.48 5.72 -4.02
C LEU A 27 31.66 4.19 -4.04
N THR A 28 32.15 3.61 -2.93
CA THR A 28 32.31 2.17 -2.76
C THR A 28 31.41 1.72 -1.61
N VAL A 29 30.44 0.83 -1.94
CA VAL A 29 29.49 0.27 -1.00
C VAL A 29 29.93 -1.13 -0.65
N THR A 30 30.04 -1.41 0.65
CA THR A 30 30.39 -2.74 1.13
C THR A 30 29.12 -3.48 1.43
N LEU A 31 28.92 -4.57 0.70
CA LEU A 31 27.79 -5.49 0.82
C LEU A 31 28.17 -6.77 1.52
N GLY A 32 27.23 -7.26 2.32
CA GLY A 32 27.32 -8.51 3.06
C GLY A 32 25.92 -9.01 3.33
N PHE A 33 25.72 -10.36 3.31
CA PHE A 33 24.41 -10.98 3.52
C PHE A 33 24.41 -11.95 4.67
N THR A 34 23.32 -11.89 5.46
CA THR A 34 23.06 -12.76 6.61
C THR A 34 21.77 -13.47 6.26
N LEU A 35 21.88 -14.73 5.77
CA LEU A 35 20.74 -15.51 5.35
C LEU A 35 20.09 -16.13 6.56
N GLN A 36 18.88 -15.70 6.85
CA GLN A 36 18.11 -16.15 8.00
C GLN A 36 17.24 -17.37 7.68
N ASP A 37 16.60 -17.40 6.49
CA ASP A 37 15.69 -18.50 6.18
C ASP A 37 15.38 -18.61 4.69
N ILE A 38 15.22 -19.85 4.19
CA ILE A 38 14.65 -20.17 2.90
C ILE A 38 13.19 -20.57 3.26
N VAL A 39 12.27 -19.62 3.09
CA VAL A 39 10.89 -19.77 3.56
C VAL A 39 10.08 -20.74 2.70
N LYS A 40 10.00 -20.46 1.41
CA LYS A 40 9.16 -21.18 0.47
C LYS A 40 9.89 -21.48 -0.81
N VAL A 41 9.50 -22.59 -1.42
CA VAL A 41 9.97 -23.09 -2.70
C VAL A 41 8.69 -23.41 -3.49
N ASP A 42 8.55 -22.86 -4.71
CA ASP A 42 7.37 -23.05 -5.54
C ASP A 42 7.80 -23.61 -6.88
N SER A 43 7.49 -24.90 -7.08
CA SER A 43 7.84 -25.64 -8.30
C SER A 43 6.85 -25.41 -9.46
N SER A 44 5.70 -24.78 -9.19
CA SER A 44 4.70 -24.53 -10.22
C SER A 44 4.99 -23.22 -10.99
N THR A 45 5.86 -22.37 -10.43
CA THR A 45 6.24 -21.08 -11.04
C THR A 45 7.76 -20.87 -11.08
N ASN A 46 8.53 -21.71 -10.36
CA ASN A 46 9.99 -21.63 -10.20
C ASN A 46 10.39 -20.30 -9.55
N GLU A 47 9.88 -20.10 -8.34
CA GLU A 47 10.15 -18.99 -7.43
C GLU A 47 10.59 -19.56 -6.08
N VAL A 48 11.56 -18.90 -5.44
CA VAL A 48 12.06 -19.27 -4.12
C VAL A 48 12.08 -17.99 -3.30
N ASP A 49 11.65 -18.08 -2.03
CA ASP A 49 11.57 -16.94 -1.11
C ASP A 49 12.63 -17.02 -0.04
N LEU A 50 13.42 -15.95 0.09
CA LEU A 50 14.46 -15.85 1.12
C LEU A 50 14.17 -14.73 2.09
N VAL A 51 14.64 -14.91 3.30
CA VAL A 51 14.62 -13.90 4.32
C VAL A 51 16.07 -13.75 4.74
N TYR A 52 16.56 -12.51 4.59
CA TYR A 52 17.94 -12.17 4.86
C TYR A 52 18.09 -10.71 5.29
N SCH A 53 19.30 -10.36 5.74
CA SCH A 53 19.67 -9.00 6.10
CB SCH A 53 20.42 -8.93 7.41
SG SCH A 53 19.21 -8.67 8.67
SD SCH A 53 18.70 -10.63 9.11
CE SCH A 53 16.89 -10.70 8.83
C SCH A 53 20.78 -8.58 5.17
O SCH A 53 21.77 -9.30 5.01
N GLU A 54 20.63 -7.37 4.60
CA GLU A 54 21.61 -6.78 3.66
C GLU A 54 22.40 -5.69 4.36
N GLN A 55 23.62 -5.99 4.82
CA GLN A 55 24.43 -4.96 5.48
C GLN A 55 25.10 -4.08 4.38
N GLN A 56 24.83 -2.78 4.41
CA GLN A 56 25.39 -1.80 3.47
C GLN A 56 26.23 -0.76 4.23
N ARG A 57 27.46 -0.52 3.75
CA ARG A 57 28.35 0.50 4.33
C ARG A 57 28.93 1.37 3.22
N TRP A 58 28.98 2.68 3.43
CA TRP A 58 29.60 3.65 2.50
C TRP A 58 30.09 4.84 3.35
N LYS A 59 30.89 5.73 2.76
CA LYS A 59 31.44 6.91 3.45
C LYS A 59 31.19 8.18 2.60
N LEU A 60 30.77 9.28 3.25
CA LEU A 60 30.50 10.55 2.59
C LEU A 60 31.17 11.67 3.34
N ASN A 61 31.99 12.48 2.65
CA ASN A 61 32.66 13.63 3.27
C ASN A 61 31.63 14.62 3.84
N SER A 62 30.46 14.75 3.17
CA SER A 62 29.37 15.63 3.55
C SER A 62 28.77 15.27 4.92
N LEU A 63 28.94 14.01 5.39
CA LEU A 63 28.42 13.57 6.69
C LEU A 63 29.50 13.55 7.80
N MET A 64 30.67 14.17 7.56
CA MET A 64 31.75 14.21 8.54
C MET A 64 31.61 15.38 9.52
N TRP A 65 31.99 15.15 10.79
CA TRP A 65 31.98 16.17 11.83
C TRP A 65 33.06 15.88 12.89
N ASP A 66 33.41 16.91 13.70
CA ASP A 66 34.36 16.80 14.79
C ASP A 66 33.58 16.61 16.10
N PRO A 67 33.68 15.41 16.74
CA PRO A 67 32.95 15.19 18.01
C PRO A 67 33.19 16.27 19.06
N ASN A 68 34.41 16.85 19.11
CA ASN A 68 34.77 17.91 20.05
C ASN A 68 33.95 19.20 19.82
N GLU A 69 33.40 19.38 18.62
CA GLU A 69 32.56 20.52 18.29
C GLU A 69 31.09 20.25 18.62
N TYR A 70 30.71 18.96 18.83
CA TYR A 70 29.32 18.59 19.09
C TYR A 70 29.16 17.63 20.28
N GLY A 71 29.62 18.08 21.46
CA GLY A 71 29.52 17.38 22.73
C GLY A 71 29.98 15.94 22.75
N ASN A 72 31.13 15.65 22.10
CA ASN A 72 31.76 14.32 21.96
C ASN A 72 30.82 13.27 21.35
N ILE A 73 29.88 13.70 20.46
CA ILE A 73 28.99 12.80 19.73
C ILE A 73 29.84 12.15 18.63
N THR A 74 29.93 10.82 18.66
CA THR A 74 30.77 10.04 17.74
C THR A 74 29.96 9.45 16.59
N ASP A 75 28.65 9.31 16.79
CA ASP A 75 27.70 8.75 15.82
C ASP A 75 26.25 9.10 16.21
N PHE A 76 25.29 8.80 15.33
CA PHE A 76 23.86 9.00 15.62
C PHE A 76 23.02 8.14 14.68
N ARG A 77 21.77 7.92 15.06
CA ARG A 77 20.78 7.16 14.32
C ARG A 77 19.84 8.12 13.65
N THR A 78 19.53 7.87 12.38
CA THR A 78 18.64 8.74 11.61
C THR A 78 17.81 7.92 10.62
N SER A 79 16.63 8.48 10.24
CA SER A 79 15.75 7.87 9.24
C SER A 79 16.52 7.75 7.94
N ALA A 80 16.39 6.63 7.25
CA ALA A 80 17.10 6.42 5.97
C ALA A 80 16.53 7.32 4.85
N ALA A 81 15.37 7.93 5.07
CA ALA A 81 14.76 8.83 4.12
C ALA A 81 15.42 10.25 4.21
N ASP A 82 16.10 10.54 5.34
CA ASP A 82 16.80 11.79 5.65
C ASP A 82 18.21 11.82 5.04
N ILE A 83 18.71 10.67 4.58
CA ILE A 83 20.06 10.60 4.00
C ILE A 83 19.98 9.91 2.66
N TRP A 84 21.03 10.10 1.84
CA TRP A 84 21.16 9.39 0.57
C TRP A 84 21.46 7.93 0.89
N THR A 85 20.85 7.00 0.17
CA THR A 85 21.12 5.55 0.35
C THR A 85 21.34 4.92 -1.05
N PRO A 86 22.22 3.90 -1.18
CA PRO A 86 22.42 3.30 -2.50
C PRO A 86 21.19 2.49 -2.90
N ASP A 87 20.97 2.33 -4.21
CA ASP A 87 19.80 1.64 -4.81
C ASP A 87 20.17 0.16 -5.15
N ILE A 88 20.63 -0.61 -4.12
CA ILE A 88 20.96 -2.01 -4.34
C ILE A 88 19.63 -2.71 -4.61
N THR A 89 19.59 -3.46 -5.72
CA THR A 89 18.43 -4.18 -6.22
C THR A 89 18.83 -5.60 -6.60
N ALA A 90 17.88 -6.54 -6.40
CA ALA A 90 18.02 -7.91 -6.86
C ALA A 90 17.69 -7.86 -8.35
N TYR A 91 18.60 -8.35 -9.20
CA TYR A 91 18.42 -8.25 -10.64
C TYR A 91 17.38 -9.23 -11.17
N SER A 92 16.96 -10.25 -10.37
CA SER A 92 16.04 -11.29 -10.84
C SER A 92 14.89 -11.61 -9.85
N SER A 93 14.33 -10.56 -9.20
CA SER A 93 13.18 -10.71 -8.32
C SER A 93 11.90 -10.93 -9.17
N THR A 94 10.87 -11.52 -8.59
CA THR A 94 9.61 -11.78 -9.30
C THR A 94 8.46 -11.02 -8.59
N ARG A 95 8.77 -10.43 -7.42
CA ARG A 95 7.85 -9.63 -6.62
C ARG A 95 8.58 -8.42 -6.04
N PRO A 96 7.89 -7.28 -5.78
CA PRO A 96 8.58 -6.14 -5.12
C PRO A 96 9.08 -6.62 -3.76
N VAL A 97 10.37 -6.41 -3.45
CA VAL A 97 10.96 -6.82 -2.15
C VAL A 97 10.15 -6.25 -0.95
N GLN A 98 9.86 -7.08 0.05
CA GLN A 98 9.19 -6.67 1.27
C GLN A 98 10.24 -6.33 2.34
N VAL A 99 10.18 -5.10 2.90
CA VAL A 99 11.07 -4.65 3.98
C VAL A 99 10.47 -5.07 5.35
N LEU A 100 11.26 -5.80 6.15
CA LEU A 100 10.84 -6.36 7.44
C LEU A 100 11.34 -5.58 8.67
N SER A 101 12.30 -4.65 8.47
CA SER A 101 12.87 -3.88 9.59
C SER A 101 12.61 -2.36 9.44
N PRO A 102 12.75 -1.55 10.52
CA PRO A 102 12.62 -0.08 10.36
C PRO A 102 13.68 0.50 9.42
N GLN A 103 13.35 1.58 8.69
CA GLN A 103 14.30 2.21 7.75
C GLN A 103 15.13 3.27 8.50
N ILE A 104 16.07 2.82 9.34
CA ILE A 104 16.93 3.72 10.13
C ILE A 104 18.40 3.30 9.90
N ALA A 105 19.29 4.29 9.67
CA ALA A 105 20.72 4.06 9.44
C ALA A 105 21.54 4.62 10.61
N VAL A 106 22.81 4.21 10.74
CA VAL A 106 23.73 4.75 11.75
C VAL A 106 24.84 5.53 11.04
N VAL A 107 25.02 6.83 11.37
CA VAL A 107 26.03 7.72 10.74
C VAL A 107 27.14 8.01 11.74
N THR A 108 28.42 7.80 11.36
CA THR A 108 29.58 8.01 12.24
C THR A 108 30.33 9.29 11.84
N HIS A 109 31.04 9.94 12.80
CA HIS A 109 31.75 11.21 12.62
C HIS A 109 32.77 11.22 11.46
N ASP A 110 33.26 10.05 11.03
CA ASP A 110 34.18 9.96 9.89
C ASP A 110 33.43 10.01 8.54
N GLY A 111 32.10 10.11 8.59
CA GLY A 111 31.23 10.20 7.43
C GLY A 111 30.70 8.89 6.93
N SER A 112 31.06 7.79 7.61
CA SER A 112 30.62 6.45 7.23
C SER A 112 29.16 6.18 7.70
N VAL A 113 28.40 5.43 6.90
CA VAL A 113 26.99 5.08 7.16
C VAL A 113 26.83 3.58 7.12
N MET A 114 26.10 3.01 8.10
CA MET A 114 25.78 1.60 8.12
C MET A 114 24.28 1.48 8.20
N PHE A 115 23.72 0.71 7.25
CA PHE A 115 22.30 0.48 7.10
C PHE A 115 22.07 -1.01 6.85
N ILE A 116 21.28 -1.68 7.71
CA ILE A 116 21.04 -3.12 7.62
C ILE A 116 19.54 -3.42 7.49
N PRO A 117 18.96 -3.26 6.28
CA PRO A 117 17.55 -3.64 6.10
C PRO A 117 17.35 -5.17 6.05
N ALA A 118 16.34 -5.66 6.78
CA ALA A 118 15.92 -7.07 6.73
C ALA A 118 14.84 -7.18 5.65
N GLN A 119 15.00 -8.09 4.69
CA GLN A 119 14.04 -8.21 3.57
C GLN A 119 13.61 -9.63 3.23
N ARG A 120 12.42 -9.74 2.58
CA ARG A 120 11.90 -10.99 2.02
C ARG A 120 11.91 -10.86 0.50
N LEU A 121 12.66 -11.74 -0.15
CA LEU A 121 12.80 -11.75 -1.59
C LEU A 121 12.23 -13.00 -2.22
N SER A 122 11.48 -12.82 -3.29
CA SER A 122 10.87 -13.83 -4.13
C SER A 122 11.62 -13.74 -5.46
N PHE A 123 12.47 -14.71 -5.81
CA PHE A 123 13.29 -14.62 -7.01
C PHE A 123 13.22 -15.88 -7.89
N MET A 124 13.73 -15.76 -9.13
CA MET A 124 13.73 -16.82 -10.15
C MET A 124 14.68 -17.95 -9.77
N CYS A 125 14.13 -19.17 -9.60
CA CYS A 125 14.89 -20.32 -9.14
C CYS A 125 14.10 -21.61 -9.40
N ASP A 126 14.66 -22.54 -10.19
CA ASP A 126 14.04 -23.85 -10.44
C ASP A 126 14.44 -24.80 -9.28
N PRO A 127 13.50 -25.20 -8.40
CA PRO A 127 13.91 -25.99 -7.24
C PRO A 127 14.10 -27.48 -7.47
N THR A 128 13.87 -27.97 -8.71
CA THR A 128 14.04 -29.38 -9.09
C THR A 128 15.36 -29.92 -8.52
N GLY A 129 15.24 -30.93 -7.68
CA GLY A 129 16.38 -31.58 -7.03
C GLY A 129 16.59 -31.17 -5.59
N VAL A 130 15.69 -30.30 -5.03
CA VAL A 130 15.72 -29.83 -3.64
C VAL A 130 15.56 -31.03 -2.69
N ASP A 131 14.77 -32.01 -3.07
CA ASP A 131 14.50 -33.21 -2.30
C ASP A 131 15.62 -34.29 -2.42
N SER A 132 16.63 -34.07 -3.30
CA SER A 132 17.73 -35.01 -3.48
C SER A 132 18.83 -34.77 -2.45
N GLU A 133 19.79 -35.70 -2.37
CA GLU A 133 20.94 -35.63 -1.46
C GLU A 133 21.83 -34.43 -1.79
N GLU A 134 22.05 -34.17 -3.08
CA GLU A 134 22.90 -33.10 -3.64
C GLU A 134 22.24 -31.75 -3.49
N GLY A 135 20.91 -31.74 -3.42
CA GLY A 135 20.15 -30.49 -3.32
C GLY A 135 20.11 -29.73 -4.62
N VAL A 136 19.67 -28.48 -4.57
CA VAL A 136 19.63 -27.61 -5.75
C VAL A 136 20.49 -26.34 -5.50
N THR A 137 20.98 -25.72 -6.56
CA THR A 137 21.75 -24.47 -6.47
C THR A 137 20.97 -23.35 -7.13
N CYS A 138 20.85 -22.20 -6.46
CA CYS A 138 20.17 -21.06 -7.04
C CYS A 138 20.95 -19.78 -6.77
N ALA A 139 20.92 -18.85 -7.73
CA ALA A 139 21.67 -17.60 -7.60
C ALA A 139 20.83 -16.38 -7.96
N VAL A 140 21.16 -15.25 -7.29
CA VAL A 140 20.57 -13.96 -7.47
C VAL A 140 21.68 -12.90 -7.33
N LYS A 141 21.74 -11.97 -8.32
CA LYS A 141 22.67 -10.85 -8.38
C LYS A 141 22.05 -9.61 -7.70
N PHE A 142 22.86 -8.91 -6.87
CA PHE A 142 22.49 -7.65 -6.19
C PHE A 142 23.44 -6.56 -6.61
N GLY A 143 22.89 -5.43 -6.97
CA GLY A 143 23.67 -4.32 -7.45
C GLY A 143 22.77 -3.15 -7.73
N SER A 144 23.40 -1.98 -7.93
CA SER A 144 22.74 -0.74 -8.23
C SER A 144 22.01 -0.92 -9.54
N TRP A 145 20.85 -0.30 -9.66
CA TRP A 145 20.05 -0.38 -10.87
C TRP A 145 20.47 0.68 -11.92
N VAL A 146 20.89 1.89 -11.47
CA VAL A 146 21.21 3.00 -12.38
C VAL A 146 22.65 3.46 -12.35
N TYR A 147 23.46 3.10 -11.31
CA TYR A 147 24.86 3.55 -11.25
C TYR A 147 25.85 2.46 -11.71
N SER A 148 26.71 2.81 -12.69
CA SER A 148 27.76 1.94 -13.21
C SER A 148 28.94 1.86 -12.24
N GLY A 149 29.95 1.06 -12.62
CA GLY A 149 31.16 0.86 -11.84
C GLY A 149 31.90 2.15 -11.56
N PHE A 150 31.85 3.12 -12.48
CA PHE A 150 32.50 4.42 -12.34
C PHE A 150 31.83 5.33 -11.27
N GLU A 151 30.58 5.03 -10.91
CA GLU A 151 29.83 5.80 -9.94
C GLU A 151 29.69 5.00 -8.63
N ILE A 152 29.27 3.74 -8.70
CA ILE A 152 29.17 2.90 -7.51
C ILE A 152 29.96 1.61 -7.72
N ASP A 153 30.96 1.40 -6.87
CA ASP A 153 31.71 0.17 -6.82
C ASP A 153 31.18 -0.67 -5.65
N LEU A 154 31.26 -1.99 -5.71
CA LEU A 154 30.82 -2.84 -4.61
C LEU A 154 31.98 -3.66 -4.11
N LYS A 155 31.95 -3.98 -2.83
CA LYS A 155 33.01 -4.70 -2.13
C LYS A 155 32.36 -5.58 -1.06
N THR A 156 33.00 -6.71 -0.75
CA THR A 156 32.57 -7.60 0.31
C THR A 156 33.75 -7.73 1.25
N ASP A 157 33.50 -8.10 2.49
CA ASP A 157 34.57 -8.33 3.45
C ASP A 157 35.01 -9.79 3.35
N THR A 158 34.09 -10.70 2.89
CA THR A 158 34.27 -12.16 2.76
C THR A 158 33.32 -12.74 1.67
N ASP A 159 33.74 -13.86 1.01
CA ASP A 159 32.95 -14.53 -0.03
C ASP A 159 31.94 -15.51 0.58
N GLN A 160 32.06 -15.75 1.90
CA GLN A 160 31.21 -16.63 2.70
C GLN A 160 30.09 -15.87 3.36
N VAL A 161 28.84 -16.21 3.01
CA VAL A 161 27.61 -15.59 3.55
C VAL A 161 27.48 -15.89 5.08
N ASP A 162 26.87 -14.99 5.84
CA ASP A 162 26.71 -15.26 7.25
C ASP A 162 25.53 -16.21 7.47
N LEU A 163 25.82 -17.37 8.02
CA LEU A 163 24.82 -18.41 8.30
C LEU A 163 24.63 -18.66 9.82
N SER A 164 25.25 -17.79 10.65
CA SER A 164 25.18 -17.90 12.10
C SER A 164 23.79 -17.58 12.66
N SER A 165 22.89 -17.01 11.83
CA SER A 165 21.52 -16.65 12.22
C SER A 165 20.46 -17.45 11.43
N TYR A 166 20.94 -18.42 10.60
CA TYR A 166 20.04 -19.24 9.80
C TYR A 166 19.16 -20.09 10.72
N TYR A 167 17.82 -20.00 10.50
CA TYR A 167 16.81 -20.72 11.29
C TYR A 167 17.04 -22.23 11.18
N ALA A 168 17.39 -22.84 12.31
CA ALA A 168 17.69 -24.27 12.41
C ALA A 168 16.53 -25.12 12.01
N SER A 169 15.30 -24.80 12.45
CA SER A 169 14.14 -25.62 12.11
C SER A 169 13.46 -25.21 10.77
N SER A 170 14.23 -24.57 9.87
CA SER A 170 13.73 -24.21 8.54
C SER A 170 13.41 -25.49 7.74
N LYS A 171 12.49 -25.38 6.73
CA LYS A 171 12.16 -26.53 5.89
C LYS A 171 13.38 -26.91 5.05
N TYR A 172 14.30 -25.95 4.81
CA TYR A 172 15.48 -26.19 3.99
C TYR A 172 16.78 -25.95 4.75
N GLU A 173 17.74 -26.87 4.58
CA GLU A 173 19.06 -26.76 5.17
C GLU A 173 20.05 -26.21 4.11
N ILE A 174 21.04 -25.44 4.54
CA ILE A 174 22.01 -24.82 3.61
C ILE A 174 23.23 -25.71 3.44
N LEU A 175 23.56 -26.03 2.20
CA LEU A 175 24.73 -26.86 1.92
C LEU A 175 25.95 -25.95 1.66
N SER A 176 25.69 -24.78 1.04
CA SER A 176 26.69 -23.77 0.77
C SER A 176 26.00 -22.43 0.48
N ALA A 177 26.64 -21.33 0.87
CA ALA A 177 26.12 -19.98 0.62
C ALA A 177 27.29 -19.03 0.38
N THR A 178 27.38 -18.49 -0.84
CA THR A 178 28.49 -17.64 -1.27
C THR A 178 28.05 -16.25 -1.79
N GLN A 179 28.87 -15.22 -1.52
CA GLN A 179 28.63 -13.87 -2.02
C GLN A 179 29.88 -13.38 -2.81
N THR A 180 29.79 -13.28 -4.16
CA THR A 180 30.99 -12.84 -4.90
C THR A 180 30.75 -11.64 -5.79
N ARG A 181 31.71 -10.70 -5.76
CA ARG A 181 31.75 -9.48 -6.57
C ARG A 181 32.02 -9.83 -8.01
N GLN A 182 31.26 -9.24 -8.93
CA GLN A 182 31.45 -9.49 -10.38
C GLN A 182 31.13 -8.26 -11.17
N VAL A 183 31.77 -8.11 -12.34
CA VAL A 183 31.56 -6.94 -13.19
C VAL A 183 31.02 -7.42 -14.54
N GLN A 184 29.84 -6.90 -14.94
CA GLN A 184 29.13 -7.23 -16.19
C GLN A 184 28.84 -6.01 -17.07
N HIS A 185 28.54 -6.26 -18.37
CA HIS A 185 28.10 -5.25 -19.33
C HIS A 185 26.67 -5.56 -19.68
N TYR A 186 25.86 -4.52 -20.03
CA TYR A 186 24.45 -4.73 -20.42
C TYR A 186 24.17 -4.00 -21.74
N SER A 187 23.13 -4.47 -22.46
CA SER A 187 22.72 -3.97 -23.80
C SER A 187 22.42 -2.45 -23.84
N CYS A 188 21.78 -1.94 -22.78
CA CYS A 188 21.34 -0.57 -22.57
C CYS A 188 22.45 0.44 -22.55
N CYS A 189 23.53 0.10 -21.85
CA CYS A 189 24.57 0.95 -21.33
C CYS A 189 26.01 0.56 -21.74
N PRO A 190 26.91 1.55 -21.98
CA PRO A 190 28.29 1.22 -22.39
C PRO A 190 29.24 0.88 -21.24
N GLU A 191 29.01 1.49 -20.06
CA GLU A 191 29.84 1.32 -18.88
C GLU A 191 29.59 -0.03 -18.22
N PRO A 192 30.60 -0.59 -17.52
CA PRO A 192 30.40 -1.86 -16.82
C PRO A 192 29.71 -1.68 -15.48
N TYR A 193 28.65 -2.45 -15.23
CA TYR A 193 27.92 -2.40 -13.95
C TYR A 193 28.50 -3.45 -13.03
N ILE A 194 28.56 -3.17 -11.74
CA ILE A 194 29.13 -4.18 -10.85
C ILE A 194 28.03 -4.72 -9.89
N ASP A 195 28.13 -6.03 -9.51
CA ASP A 195 27.14 -6.71 -8.65
C ASP A 195 27.79 -7.72 -7.70
N VAL A 196 27.03 -8.12 -6.67
CA VAL A 196 27.41 -9.14 -5.71
C VAL A 196 26.50 -10.32 -5.97
N ASN A 197 27.08 -11.44 -6.41
CA ASN A 197 26.32 -12.67 -6.75
C ASN A 197 26.14 -13.59 -5.54
N LEU A 198 24.87 -13.73 -5.10
CA LEU A 198 24.50 -14.58 -3.97
C LEU A 198 24.15 -15.95 -4.52
N VAL A 199 24.99 -16.96 -4.21
CA VAL A 199 24.78 -18.35 -4.66
C VAL A 199 24.55 -19.22 -3.45
N VAL A 200 23.41 -19.90 -3.40
CA VAL A 200 23.11 -20.76 -2.27
C VAL A 200 22.61 -22.14 -2.78
N LYS A 201 23.25 -23.19 -2.24
CA LYS A 201 22.97 -24.60 -2.45
C LYS A 201 22.22 -25.06 -1.23
N PHE A 202 21.01 -25.61 -1.45
CA PHE A 202 20.17 -26.03 -0.36
C PHE A 202 19.37 -27.28 -0.70
N ARG A 203 18.87 -27.98 0.34
CA ARG A 203 18.03 -29.16 0.18
C ARG A 203 16.98 -29.24 1.30
N GLU A 204 15.96 -30.09 1.12
CA GLU A 204 14.91 -30.28 2.11
C GLU A 204 15.47 -30.89 3.37
N ARG A 205 15.16 -30.33 4.54
CA ARG A 205 15.67 -30.84 5.81
C ARG A 205 14.84 -32.02 6.25
N ARG A 206 15.48 -33.11 6.67
CA ARG A 206 14.78 -34.28 7.19
C ARG A 206 14.31 -33.99 8.61
N ALA A 207 13.00 -34.25 8.89
CA ALA A 207 12.35 -34.08 10.20
C ALA A 207 13.14 -34.71 11.39
N GLY A 208 12.99 -34.19 12.52
N GLN B 1 30.27 17.59 -6.39
CA GLN B 1 28.90 17.60 -5.85
C GLN B 1 28.26 18.96 -6.11
N ALA B 2 29.03 20.05 -5.89
CA ALA B 2 28.61 21.44 -6.03
C ALA B 2 27.99 21.71 -7.40
N ASN B 3 28.69 21.36 -8.50
CA ASN B 3 28.22 21.56 -9.86
C ASN B 3 26.91 20.84 -10.16
N LEU B 4 26.80 19.56 -9.74
CA LEU B 4 25.60 18.78 -9.98
C LEU B 4 24.42 19.35 -9.19
N MET B 5 24.67 19.70 -7.92
CA MET B 5 23.71 20.35 -7.02
C MET B 5 23.15 21.63 -7.70
N ARG B 6 24.05 22.43 -8.29
CA ARG B 6 23.70 23.65 -8.98
C ARG B 6 22.84 23.35 -10.23
N LEU B 7 23.28 22.40 -11.07
CA LEU B 7 22.59 22.03 -12.29
C LEU B 7 21.16 21.61 -11.99
N LYS B 8 21.00 20.70 -11.01
CA LYS B 8 19.71 20.19 -10.58
C LYS B 8 18.82 21.33 -10.06
N SER B 9 19.42 22.28 -9.32
CA SER B 9 18.69 23.42 -8.79
C SER B 9 18.21 24.28 -9.94
N ASP B 10 19.11 24.61 -10.90
CA ASP B 10 18.79 25.45 -12.04
C ASP B 10 17.79 24.80 -12.99
N LEU B 11 17.85 23.46 -13.17
CA LEU B 11 16.91 22.77 -14.05
C LEU B 11 15.48 22.78 -13.48
N PHE B 12 15.34 22.78 -12.15
CA PHE B 12 14.06 22.82 -11.42
C PHE B 12 13.45 24.25 -11.37
N ASN B 13 14.31 25.27 -11.12
CA ASN B 13 13.92 26.68 -10.98
C ASN B 13 13.70 27.41 -12.31
N ARG B 14 14.43 27.05 -13.39
CA ARG B 14 14.39 27.72 -14.70
C ARG B 14 12.97 27.77 -15.29
N SER B 15 12.10 26.80 -14.91
CA SER B 15 10.73 26.74 -15.37
C SER B 15 9.90 25.82 -14.46
N PRO B 16 8.56 26.09 -14.30
CA PRO B 16 7.70 25.16 -13.53
C PRO B 16 7.58 23.80 -14.22
N MET B 17 7.06 22.78 -13.50
CA MET B 17 6.91 21.39 -13.99
C MET B 17 6.34 21.39 -15.43
N TYR B 18 7.03 20.65 -16.32
CA TYR B 18 6.68 20.39 -17.72
C TYR B 18 5.24 19.84 -17.79
N PRO B 19 4.34 20.46 -18.57
CA PRO B 19 2.93 20.03 -18.56
C PRO B 19 2.59 18.85 -19.48
N GLY B 20 3.62 18.15 -19.96
CA GLY B 20 3.42 17.02 -20.86
C GLY B 20 3.39 17.49 -22.30
N PRO B 21 3.41 16.57 -23.29
CA PRO B 21 3.37 17.01 -24.69
C PRO B 21 2.00 17.56 -25.11
N THR B 22 2.00 18.24 -26.25
CA THR B 22 0.79 18.81 -26.86
C THR B 22 0.84 18.59 -28.37
N LYS B 23 -0.26 18.87 -29.07
CA LYS B 23 -0.33 18.73 -30.54
C LYS B 23 0.76 19.61 -31.17
N ASP B 24 0.97 20.81 -30.57
CA ASP B 24 1.96 21.85 -30.91
C ASP B 24 3.39 21.48 -30.48
N ASP B 25 3.53 20.69 -29.39
CA ASP B 25 4.84 20.25 -28.87
C ASP B 25 4.81 18.72 -28.69
N PRO B 26 4.80 17.93 -29.79
CA PRO B 26 4.70 16.47 -29.62
C PRO B 26 6.00 15.81 -29.18
N LEU B 27 5.90 14.54 -28.75
CA LEU B 27 7.00 13.73 -28.25
C LEU B 27 7.00 12.29 -28.84
N THR B 28 8.19 11.72 -29.06
CA THR B 28 8.36 10.34 -29.53
C THR B 28 9.11 9.55 -28.46
N VAL B 29 8.45 8.50 -27.92
CA VAL B 29 9.00 7.60 -26.93
C VAL B 29 9.45 6.30 -27.62
N THR B 30 10.69 5.88 -27.35
CA THR B 30 11.23 4.64 -27.90
C THR B 30 11.06 3.59 -26.83
N LEU B 31 10.30 2.53 -27.16
CA LEU B 31 10.01 1.39 -26.29
C LEU B 31 10.81 0.18 -26.71
N GLY B 32 11.22 -0.58 -25.70
CA GLY B 32 12.00 -1.82 -25.86
C GLY B 32 11.87 -2.78 -24.70
N PHE B 33 11.32 -4.00 -24.96
CA PHE B 33 11.08 -5.01 -23.92
C PHE B 33 12.17 -6.05 -23.81
N THR B 34 12.64 -6.30 -22.58
CA THR B 34 13.62 -7.35 -22.24
C THR B 34 12.84 -8.30 -21.37
N LEU B 35 12.36 -9.43 -21.95
CA LEU B 35 11.56 -10.40 -21.25
C LEU B 35 12.48 -11.32 -20.46
N GLN B 36 12.33 -11.26 -19.11
CA GLN B 36 13.14 -12.03 -18.19
C GLN B 36 12.50 -13.37 -17.84
N ASP B 37 11.17 -13.42 -17.67
CA ASP B 37 10.55 -14.69 -17.27
C ASP B 37 9.01 -14.77 -17.45
N ILE B 38 8.48 -15.95 -17.80
CA ILE B 38 7.05 -16.18 -17.78
C ILE B 38 6.87 -16.95 -16.48
N VAL B 39 6.42 -16.25 -15.43
CA VAL B 39 6.37 -16.82 -14.09
C VAL B 39 5.24 -17.84 -13.90
N LYS B 40 4.00 -17.41 -14.16
CA LYS B 40 2.80 -18.18 -13.88
C LYS B 40 1.84 -18.11 -15.03
N VAL B 41 1.11 -19.19 -15.20
CA VAL B 41 0.06 -19.40 -16.19
C VAL B 41 -1.15 -19.89 -15.37
N ASP B 42 -2.32 -19.25 -15.51
CA ASP B 42 -3.49 -19.65 -14.73
C ASP B 42 -4.63 -19.95 -15.70
N SER B 43 -4.96 -21.24 -15.84
CA SER B 43 -5.97 -21.73 -16.75
C SER B 43 -7.41 -21.62 -16.19
N SER B 44 -7.55 -21.34 -14.90
CA SER B 44 -8.85 -21.22 -14.25
C SER B 44 -9.43 -19.79 -14.40
N THR B 45 -8.55 -18.81 -14.70
CA THR B 45 -8.95 -17.41 -14.88
C THR B 45 -8.47 -16.83 -16.24
N ASN B 46 -7.55 -17.52 -16.94
CA ASN B 46 -6.91 -17.09 -18.18
C ASN B 46 -6.12 -15.77 -17.98
N GLU B 47 -5.15 -15.85 -17.07
CA GLU B 47 -4.17 -14.83 -16.73
C GLU B 47 -2.78 -15.43 -16.86
N VAL B 48 -1.82 -14.65 -17.35
CA VAL B 48 -0.42 -15.05 -17.46
C VAL B 48 0.41 -13.92 -16.84
N ASP B 49 1.44 -14.26 -16.07
CA ASP B 49 2.32 -13.31 -15.37
C ASP B 49 3.69 -13.25 -16.00
N LEU B 50 4.12 -12.04 -16.38
CA LEU B 50 5.45 -11.84 -16.96
C LEU B 50 6.31 -10.94 -16.08
N VAL B 51 7.64 -11.16 -16.14
CA VAL B 51 8.66 -10.31 -15.53
C VAL B 51 9.52 -9.81 -16.70
N TYR B 52 9.53 -8.49 -16.89
CA TYR B 52 10.26 -7.85 -17.97
C TYR B 52 10.76 -6.47 -17.58
N SCH B 53 11.63 -5.90 -18.41
CA SCH B 53 12.15 -4.56 -18.26
CB SCH B 53 13.63 -4.45 -18.51
SG SCH B 53 14.42 -4.64 -16.90
SD SCH B 53 14.56 -6.74 -16.83
CE SCH B 53 13.66 -7.23 -15.33
C SCH B 53 11.67 -3.76 -19.43
O SCH B 53 11.85 -4.16 -20.59
N GLU B 54 11.09 -2.62 -19.15
CA GLU B 54 10.62 -1.76 -20.22
C GLU B 54 11.57 -0.56 -20.39
N GLN B 55 12.41 -0.57 -21.44
CA GLN B 55 13.29 0.56 -21.68
C GLN B 55 12.52 1.67 -22.40
N GLN B 56 12.47 2.86 -21.76
CA GLN B 56 11.80 4.05 -22.32
C GLN B 56 12.82 5.16 -22.58
N ARG B 57 12.78 5.77 -23.79
CA ARG B 57 13.66 6.91 -24.16
C ARG B 57 12.83 8.02 -24.80
N TRP B 58 13.08 9.26 -24.38
CA TRP B 58 12.46 10.47 -24.91
C TRP B 58 13.43 11.64 -24.69
N LYS B 59 13.22 12.75 -25.41
CA LYS B 59 14.06 13.94 -25.33
C LYS B 59 13.17 15.16 -24.99
N LEU B 60 13.65 16.03 -24.09
CA LEU B 60 12.94 17.25 -23.70
C LEU B 60 13.84 18.48 -23.77
N ASN B 61 13.44 19.53 -24.49
CA ASN B 61 14.26 20.76 -24.57
C ASN B 61 14.47 21.37 -23.20
N SER B 62 13.44 21.25 -22.30
CA SER B 62 13.49 21.80 -20.95
C SER B 62 14.58 21.15 -20.08
N LEU B 63 15.05 19.92 -20.43
CA LEU B 63 16.09 19.23 -19.66
C LEU B 63 17.50 19.39 -20.28
N MET B 64 17.66 20.34 -21.23
CA MET B 64 18.94 20.57 -21.89
C MET B 64 19.83 21.53 -21.11
N TRP B 65 21.14 21.30 -21.14
CA TRP B 65 22.14 22.17 -20.52
C TRP B 65 23.46 22.09 -21.25
N ASP B 66 24.34 23.06 -21.01
CA ASP B 66 25.67 23.11 -21.61
C ASP B 66 26.67 22.60 -20.59
N PRO B 67 27.32 21.43 -20.85
CA PRO B 67 28.30 20.87 -19.89
C PRO B 67 29.37 21.86 -19.46
N ASN B 68 29.79 22.78 -20.37
CA ASN B 68 30.80 23.81 -20.09
C ASN B 68 30.32 24.84 -19.03
N GLU B 69 28.98 24.93 -18.83
CA GLU B 69 28.41 25.82 -17.84
C GLU B 69 28.27 25.11 -16.50
N TYR B 70 28.37 23.76 -16.47
CA TYR B 70 28.20 22.99 -15.24
C TYR B 70 29.30 21.92 -15.04
N GLY B 71 30.56 22.36 -14.99
CA GLY B 71 31.73 21.53 -14.75
C GLY B 71 31.85 20.27 -15.59
N ASN B 72 31.58 20.38 -16.89
CA ASN B 72 31.65 19.32 -17.89
C ASN B 72 30.77 18.09 -17.53
N ILE B 73 29.65 18.33 -16.82
CA ILE B 73 28.66 17.30 -16.48
C ILE B 73 27.88 17.04 -17.77
N THR B 74 27.91 15.79 -18.24
CA THR B 74 27.28 15.39 -19.50
C THR B 74 25.93 14.72 -19.27
N ASP B 75 25.73 14.18 -18.05
CA ASP B 75 24.52 13.46 -17.65
C ASP B 75 24.42 13.34 -16.11
N PHE B 76 23.26 12.88 -15.59
CA PHE B 76 23.05 12.66 -14.16
C PHE B 76 21.87 11.75 -13.95
N ARG B 77 21.82 11.15 -12.74
CA ARG B 77 20.75 10.25 -12.31
C ARG B 77 19.82 11.00 -11.41
N THR B 78 18.51 10.84 -11.61
CA THR B 78 17.51 11.53 -10.81
C THR B 78 16.27 10.67 -10.58
N SER B 79 15.55 10.93 -9.48
CA SER B 79 14.31 10.25 -9.18
C SER B 79 13.32 10.49 -10.32
N ALA B 80 12.57 9.47 -10.73
CA ALA B 80 11.60 9.61 -11.82
C ALA B 80 10.37 10.45 -11.39
N ALA B 81 10.25 10.73 -10.09
CA ALA B 81 9.17 11.55 -9.56
C ALA B 81 9.51 13.04 -9.75
N ASP B 82 10.81 13.35 -9.95
CA ASP B 82 11.33 14.70 -10.15
C ASP B 82 11.17 15.18 -11.61
N ILE B 83 10.91 14.25 -12.53
CA ILE B 83 10.77 14.59 -13.95
C ILE B 83 9.47 14.06 -14.49
N TRP B 84 9.00 14.60 -15.63
CA TRP B 84 7.84 14.09 -16.34
C TRP B 84 8.24 12.74 -16.94
N THR B 85 7.32 11.73 -16.90
CA THR B 85 7.54 10.40 -17.50
C THR B 85 6.28 10.05 -18.31
N PRO B 86 6.40 9.22 -19.37
CA PRO B 86 5.21 8.87 -20.15
C PRO B 86 4.33 7.84 -19.46
N ASP B 87 2.98 7.94 -19.68
CA ASP B 87 1.98 7.05 -19.08
C ASP B 87 1.81 5.75 -19.91
N ILE B 88 2.93 5.03 -20.15
CA ILE B 88 2.87 3.79 -20.91
C ILE B 88 2.21 2.72 -20.05
N THR B 89 1.06 2.23 -20.53
CA THR B 89 0.16 1.30 -19.86
C THR B 89 -0.11 0.07 -20.72
N ALA B 90 -0.25 -1.09 -20.06
CA ALA B 90 -0.66 -2.33 -20.70
C ALA B 90 -2.19 -2.19 -20.86
N TYR B 91 -2.70 -2.35 -22.09
CA TYR B 91 -4.11 -2.12 -22.36
C TYR B 91 -4.98 -3.25 -21.88
N SER B 92 -4.40 -4.43 -21.50
CA SER B 92 -5.16 -5.60 -21.08
C SER B 92 -4.62 -6.29 -19.80
N SER B 93 -4.18 -5.49 -18.81
CA SER B 93 -3.73 -6.02 -17.50
C SER B 93 -4.95 -6.44 -16.68
N THR B 94 -4.76 -7.34 -15.69
CA THR B 94 -5.86 -7.82 -14.85
C THR B 94 -5.58 -7.43 -13.41
N ARG B 95 -4.37 -6.93 -13.14
CA ARG B 95 -3.88 -6.49 -11.83
C ARG B 95 -3.03 -5.24 -11.98
N PRO B 96 -3.02 -4.32 -10.97
CA PRO B 96 -2.08 -3.18 -11.04
C PRO B 96 -0.65 -3.69 -11.16
N VAL B 97 0.11 -3.23 -12.16
CA VAL B 97 1.51 -3.64 -12.39
C VAL B 97 2.35 -3.45 -11.11
N GLN B 98 3.19 -4.44 -10.79
CA GLN B 98 4.11 -4.38 -9.65
C GLN B 98 5.48 -3.90 -10.16
N VAL B 99 6.02 -2.79 -9.60
CA VAL B 99 7.33 -2.24 -9.98
C VAL B 99 8.41 -2.91 -9.12
N LEU B 100 9.41 -3.52 -9.77
CA LEU B 100 10.45 -4.33 -9.11
C LEU B 100 11.82 -3.63 -8.99
N SER B 101 11.99 -2.48 -9.65
CA SER B 101 13.27 -1.76 -9.62
C SER B 101 13.10 -0.34 -9.07
N PRO B 102 14.20 0.31 -8.60
CA PRO B 102 14.07 1.73 -8.17
C PRO B 102 13.57 2.64 -9.30
N GLN B 103 12.82 3.69 -8.94
CA GLN B 103 12.27 4.65 -9.91
C GLN B 103 13.28 5.77 -10.11
N ILE B 104 14.37 5.49 -10.84
CA ILE B 104 15.42 6.47 -11.12
C ILE B 104 15.65 6.49 -12.66
N ALA B 105 15.76 7.71 -13.24
CA ALA B 105 16.01 7.91 -14.68
C ALA B 105 17.40 8.50 -14.88
N VAL B 106 17.93 8.41 -16.14
CA VAL B 106 19.23 9.01 -16.49
C VAL B 106 18.95 10.13 -17.47
N VAL B 107 19.34 11.37 -17.09
CA VAL B 107 19.12 12.54 -17.96
C VAL B 107 20.48 12.97 -18.62
N THR B 108 20.48 13.25 -19.92
CA THR B 108 21.71 13.66 -20.65
C THR B 108 21.57 15.14 -21.07
N HIS B 109 22.71 15.86 -21.22
CA HIS B 109 22.76 17.29 -21.54
C HIS B 109 21.98 17.71 -22.80
N ASP B 110 21.72 16.76 -23.73
CA ASP B 110 20.97 17.05 -24.95
C ASP B 110 19.44 17.04 -24.66
N GLY B 111 19.08 16.76 -23.41
CA GLY B 111 17.69 16.69 -22.95
C GLY B 111 17.06 15.33 -23.02
N SER B 112 17.82 14.32 -23.47
CA SER B 112 17.33 12.94 -23.59
C SER B 112 17.31 12.24 -22.24
N VAL B 113 16.29 11.41 -22.02
CA VAL B 113 16.06 10.67 -20.78
C VAL B 113 15.95 9.20 -21.10
N MET B 114 16.53 8.35 -20.26
CA MET B 114 16.39 6.90 -20.33
C MET B 114 15.94 6.44 -19.00
N PHE B 115 14.86 5.68 -19.00
CA PHE B 115 14.22 5.11 -17.81
C PHE B 115 13.89 3.62 -18.06
N ILE B 116 14.44 2.69 -17.23
CA ILE B 116 14.22 1.25 -17.43
C ILE B 116 13.50 0.58 -16.22
N PRO B 117 12.17 0.75 -16.07
CA PRO B 117 11.48 0.07 -14.97
C PRO B 117 11.34 -1.43 -15.15
N ALA B 118 11.70 -2.24 -14.13
CA ALA B 118 11.49 -3.69 -14.16
C ALA B 118 10.12 -3.92 -13.56
N GLN B 119 9.24 -4.66 -14.26
CA GLN B 119 7.87 -4.87 -13.78
C GLN B 119 7.35 -6.33 -13.87
N ARG B 120 6.36 -6.67 -13.01
CA ARG B 120 5.62 -7.91 -13.08
C ARG B 120 4.19 -7.59 -13.53
N LEU B 121 3.78 -8.17 -14.66
CA LEU B 121 2.47 -7.94 -15.23
C LEU B 121 1.64 -9.22 -15.25
N SER B 122 0.38 -9.09 -14.88
CA SER B 122 -0.66 -10.11 -14.88
C SER B 122 -1.65 -9.67 -15.97
N PHE B 123 -1.70 -10.36 -17.10
CA PHE B 123 -2.56 -9.91 -18.21
C PHE B 123 -3.43 -11.02 -18.76
N MET B 124 -4.44 -10.64 -19.59
CA MET B 124 -5.41 -11.55 -20.22
C MET B 124 -4.75 -12.41 -21.25
N CYS B 125 -4.84 -13.75 -21.06
CA CYS B 125 -4.19 -14.73 -21.91
C CYS B 125 -4.74 -16.15 -21.64
N ASP B 126 -5.34 -16.80 -22.66
CA ASP B 126 -5.85 -18.19 -22.56
C ASP B 126 -4.66 -19.13 -22.80
N PRO B 127 -4.16 -19.87 -21.79
CA PRO B 127 -2.94 -20.67 -22.01
C PRO B 127 -3.16 -22.05 -22.67
N THR B 128 -4.40 -22.35 -23.07
CA THR B 128 -4.75 -23.62 -23.76
C THR B 128 -3.73 -23.88 -24.86
N GLY B 129 -3.04 -25.01 -24.74
CA GLY B 129 -2.04 -25.45 -25.71
C GLY B 129 -0.61 -25.20 -25.32
N VAL B 130 -0.38 -24.66 -24.09
CA VAL B 130 0.95 -24.35 -23.55
C VAL B 130 1.77 -25.65 -23.43
N ASP B 131 1.11 -26.76 -23.12
CA ASP B 131 1.71 -28.08 -22.94
C ASP B 131 1.96 -28.81 -24.27
N SER B 132 1.47 -28.26 -25.40
CA SER B 132 1.65 -28.85 -26.73
C SER B 132 2.98 -28.47 -27.34
N GLU B 133 3.37 -29.15 -28.44
CA GLU B 133 4.61 -28.92 -29.18
C GLU B 133 4.63 -27.50 -29.77
N GLU B 134 3.49 -27.05 -30.32
CA GLU B 134 3.29 -25.74 -30.96
C GLU B 134 3.26 -24.61 -29.95
N GLY B 135 2.87 -24.92 -28.72
CA GLY B 135 2.78 -23.94 -27.65
C GLY B 135 1.58 -23.03 -27.82
N VAL B 136 1.55 -21.94 -27.02
CA VAL B 136 0.48 -20.95 -27.09
C VAL B 136 1.05 -19.54 -27.40
N THR B 137 0.25 -18.71 -28.09
CA THR B 137 0.60 -17.34 -28.42
C THR B 137 -0.27 -16.40 -27.61
N CYS B 138 0.34 -15.39 -26.96
CA CYS B 138 -0.41 -14.39 -26.24
C CYS B 138 0.13 -13.01 -26.51
N ALA B 139 -0.76 -12.00 -26.53
CA ALA B 139 -0.34 -10.62 -26.82
C ALA B 139 -0.91 -9.62 -25.85
N VAL B 140 -0.15 -8.54 -25.62
CA VAL B 140 -0.51 -7.42 -24.77
C VAL B 140 0.03 -6.15 -25.43
N LYS B 141 -0.85 -5.14 -25.57
CA LYS B 141 -0.55 -3.84 -26.15
C LYS B 141 -0.10 -2.84 -25.04
N PHE B 142 0.97 -2.07 -25.31
CA PHE B 142 1.49 -1.04 -24.44
C PHE B 142 1.46 0.27 -25.16
N GLY B 143 0.95 1.28 -24.48
CA GLY B 143 0.91 2.62 -25.01
C GLY B 143 0.39 3.58 -23.98
N SER B 144 0.55 4.89 -24.25
CA SER B 144 0.03 5.98 -23.45
C SER B 144 -1.49 5.79 -23.30
N TRP B 145 -2.05 6.10 -22.11
CA TRP B 145 -3.48 5.94 -21.81
C TRP B 145 -4.30 7.14 -22.29
N VAL B 146 -3.72 8.37 -22.26
CA VAL B 146 -4.48 9.59 -22.60
C VAL B 146 -3.92 10.38 -23.79
N TYR B 147 -2.67 10.13 -24.16
CA TYR B 147 -2.10 10.88 -25.27
C TYR B 147 -2.20 10.10 -26.62
N SER B 148 -2.79 10.76 -27.64
CA SER B 148 -2.92 10.23 -29.00
C SER B 148 -1.59 10.35 -29.75
N GLY B 149 -1.54 9.89 -31.01
CA GLY B 149 -0.36 9.93 -31.87
C GLY B 149 0.19 11.33 -32.11
N PHE B 150 -0.70 12.35 -32.07
CA PHE B 150 -0.35 13.76 -32.26
C PHE B 150 0.38 14.33 -31.06
N GLU B 151 0.29 13.66 -29.90
CA GLU B 151 0.92 14.10 -28.66
C GLU B 151 2.07 13.15 -28.33
N ILE B 152 1.79 11.83 -28.30
CA ILE B 152 2.85 10.84 -28.07
C ILE B 152 2.87 9.82 -29.22
N ASP B 153 4.04 9.71 -29.88
CA ASP B 153 4.31 8.70 -30.87
C ASP B 153 5.21 7.65 -30.22
N LEU B 154 5.16 6.41 -30.70
CA LEU B 154 6.01 5.35 -30.17
C LEU B 154 6.88 4.78 -31.30
N LYS B 155 8.04 4.29 -30.92
CA LYS B 155 9.03 3.77 -31.85
C LYS B 155 9.79 2.64 -31.16
N THR B 156 10.26 1.66 -31.94
CA THR B 156 11.10 0.55 -31.47
C THR B 156 12.38 0.58 -32.27
N ASP B 157 13.50 0.12 -31.69
CA ASP B 157 14.77 0.04 -32.43
C ASP B 157 14.86 -1.27 -33.23
N THR B 158 14.13 -2.28 -32.78
CA THR B 158 14.02 -3.59 -33.43
C THR B 158 12.64 -4.15 -33.14
N ASP B 159 12.15 -5.04 -34.02
CA ASP B 159 10.87 -5.70 -33.80
C ASP B 159 11.06 -6.98 -32.99
N GLN B 160 12.31 -7.29 -32.62
CA GLN B 160 12.67 -8.44 -31.81
C GLN B 160 12.85 -8.07 -30.35
N VAL B 161 12.12 -8.79 -29.48
CA VAL B 161 12.17 -8.63 -28.01
C VAL B 161 13.46 -9.23 -27.49
N ASP B 162 14.13 -8.52 -26.59
CA ASP B 162 15.39 -8.99 -26.06
C ASP B 162 15.16 -10.21 -25.13
N LEU B 163 15.75 -11.34 -25.52
CA LEU B 163 15.64 -12.61 -24.82
C LEU B 163 16.98 -13.06 -24.22
N SER B 164 18.01 -12.19 -24.29
CA SER B 164 19.35 -12.49 -23.79
C SER B 164 19.40 -12.58 -22.25
N SER B 165 18.35 -12.13 -21.55
CA SER B 165 18.27 -12.19 -20.08
C SER B 165 17.12 -13.10 -19.60
N TYR B 166 16.47 -13.82 -20.54
CA TYR B 166 15.39 -14.73 -20.22
C TYR B 166 15.92 -15.88 -19.37
N TYR B 167 15.28 -16.10 -18.21
CA TYR B 167 15.63 -17.12 -17.24
C TYR B 167 15.57 -18.48 -17.91
N ALA B 168 16.74 -19.11 -18.02
CA ALA B 168 16.91 -20.42 -18.65
C ALA B 168 16.07 -21.49 -18.00
N SER B 169 16.06 -21.56 -16.67
CA SER B 169 15.34 -22.61 -15.95
C SER B 169 13.89 -22.23 -15.66
N SER B 170 13.31 -21.35 -16.49
CA SER B 170 11.90 -20.94 -16.41
C SER B 170 10.97 -22.12 -16.63
N LYS B 171 9.73 -22.12 -16.07
CA LYS B 171 8.78 -23.21 -16.34
C LYS B 171 8.40 -23.19 -17.82
N TYR B 172 8.52 -21.98 -18.44
CA TYR B 172 8.15 -21.84 -19.85
C TYR B 172 9.32 -21.37 -20.72
N GLU B 173 9.45 -22.00 -21.90
CA GLU B 173 10.45 -21.64 -22.89
C GLU B 173 9.81 -20.73 -23.98
N ILE B 174 10.58 -19.77 -24.51
CA ILE B 174 10.06 -18.85 -25.52
C ILE B 174 10.31 -19.40 -26.92
N LEU B 175 9.25 -19.45 -27.72
CA LEU B 175 9.37 -19.92 -29.09
C LEU B 175 9.60 -18.70 -30.01
N SER B 176 8.98 -17.57 -29.67
CA SER B 176 9.11 -16.31 -30.39
C SER B 176 8.60 -15.16 -29.52
N ALA B 177 9.19 -13.97 -29.68
CA ALA B 177 8.80 -12.78 -28.92
C ALA B 177 9.02 -11.55 -29.79
N THR B 178 7.92 -10.84 -30.09
CA THR B 178 7.91 -9.69 -30.99
C THR B 178 7.34 -8.43 -30.34
N GLN B 179 7.89 -7.27 -30.71
CA GLN B 179 7.43 -5.94 -30.30
C GLN B 179 7.20 -5.08 -31.57
N THR B 180 5.94 -4.90 -31.99
CA THR B 180 5.64 -4.10 -33.17
C THR B 180 4.77 -2.91 -32.82
N ARG B 181 5.09 -1.81 -33.47
CA ARG B 181 4.38 -0.55 -33.44
C ARG B 181 3.11 -0.69 -34.24
N GLN B 182 2.00 -0.20 -33.71
CA GLN B 182 0.72 -0.24 -34.42
C GLN B 182 -0.10 0.97 -34.06
N VAL B 183 -0.95 1.41 -34.99
CA VAL B 183 -1.81 2.59 -34.80
C VAL B 183 -3.27 2.13 -34.89
N GLN B 184 -4.03 2.43 -33.82
CA GLN B 184 -5.45 2.06 -33.67
C GLN B 184 -6.33 3.28 -33.39
N HIS B 185 -7.65 3.10 -33.60
CA HIS B 185 -8.70 4.05 -33.26
C HIS B 185 -9.55 3.43 -32.16
N TYR B 186 -10.14 4.26 -31.28
CA TYR B 186 -11.01 3.77 -30.21
C TYR B 186 -12.35 4.54 -30.23
N SER B 187 -13.41 3.97 -29.61
CA SER B 187 -14.78 4.54 -29.59
C SER B 187 -14.84 5.94 -28.96
N CYS B 188 -14.08 6.14 -27.87
CA CYS B 188 -13.98 7.34 -27.05
C CYS B 188 -13.52 8.58 -27.80
N CYS B 189 -12.47 8.38 -28.60
CA CYS B 189 -11.58 9.40 -29.11
C CYS B 189 -11.43 9.45 -30.68
N PRO B 190 -11.46 10.65 -31.31
CA PRO B 190 -11.36 10.70 -32.78
C PRO B 190 -9.93 10.49 -33.32
N GLU B 191 -8.93 10.91 -32.55
CA GLU B 191 -7.52 10.81 -32.91
C GLU B 191 -7.00 9.36 -32.83
N PRO B 192 -6.01 8.99 -33.68
CA PRO B 192 -5.45 7.63 -33.61
C PRO B 192 -4.43 7.49 -32.48
N TYR B 193 -4.61 6.47 -31.64
CA TYR B 193 -3.69 6.20 -30.56
C TYR B 193 -2.66 5.20 -31.04
N ILE B 194 -1.42 5.32 -30.57
CA ILE B 194 -0.43 4.37 -31.06
C ILE B 194 0.05 3.48 -29.89
N ASP B 195 0.40 2.21 -30.19
CA ASP B 195 0.85 1.22 -29.21
C ASP B 195 1.97 0.29 -29.75
N VAL B 196 2.65 -0.39 -28.83
CA VAL B 196 3.67 -1.39 -29.12
C VAL B 196 3.06 -2.72 -28.68
N ASN B 197 2.80 -3.62 -29.65
CA ASN B 197 2.19 -4.92 -29.41
C ASN B 197 3.24 -5.97 -29.12
N LEU B 198 3.22 -6.46 -27.85
CA LEU B 198 4.12 -7.49 -27.37
C LEU B 198 3.45 -8.83 -27.62
N VAL B 199 3.98 -9.62 -28.53
CA VAL B 199 3.45 -10.95 -28.89
C VAL B 199 4.49 -11.97 -28.56
N VAL B 200 4.14 -12.91 -27.69
CA VAL B 200 5.07 -13.95 -27.30
C VAL B 200 4.40 -15.34 -27.41
N LYS B 201 5.10 -16.25 -28.14
CA LYS B 201 4.75 -17.63 -28.34
C LYS B 201 5.61 -18.43 -27.39
N PHE B 202 4.97 -19.23 -26.52
CA PHE B 202 5.70 -20.00 -25.52
C PHE B 202 5.07 -21.37 -25.25
N ARG B 203 5.82 -22.25 -24.60
CA ARG B 203 5.35 -23.57 -24.22
C ARG B 203 6.03 -24.04 -22.92
N GLU B 204 5.48 -25.09 -22.27
CA GLU B 204 6.05 -25.67 -21.06
C GLU B 204 7.42 -26.28 -21.36
N ARG B 205 8.42 -25.97 -20.57
CA ARG B 205 9.76 -26.49 -20.76
C ARG B 205 9.87 -27.88 -20.20
N ARG B 206 10.44 -28.84 -20.96
CA ARG B 206 10.68 -30.20 -20.46
C ARG B 206 11.94 -30.20 -19.59
N ALA B 207 11.88 -30.87 -18.43
CA ALA B 207 12.98 -31.02 -17.48
C ALA B 207 14.34 -31.47 -18.13
N GLY B 208 15.41 -31.12 -17.58
N GLN C 1 -11.17 22.78 25.21
CA GLN C 1 -10.53 22.56 23.91
C GLN C 1 -9.35 23.50 23.74
N ALA C 2 -9.55 24.77 24.10
CA ALA C 2 -8.56 25.86 24.03
C ALA C 2 -7.25 25.50 24.75
N ASN C 3 -7.34 25.05 26.02
CA ASN C 3 -6.21 24.64 26.84
C ASN C 3 -5.41 23.50 26.21
N LEU C 4 -6.09 22.44 25.74
CA LEU C 4 -5.41 21.31 25.11
C LEU C 4 -4.72 21.73 23.82
N MET C 5 -5.42 22.53 23.00
CA MET C 5 -4.91 23.10 21.75
C MET C 5 -3.61 23.88 22.02
N ARG C 6 -3.60 24.68 23.10
CA ARG C 6 -2.45 25.45 23.55
C ARG C 6 -1.31 24.53 23.99
N LEU C 7 -1.61 23.54 24.86
CA LEU C 7 -0.62 22.59 25.37
C LEU C 7 0.09 21.89 24.24
N LYS C 8 -0.68 21.34 23.30
CA LYS C 8 -0.17 20.61 22.14
C LYS C 8 0.73 21.54 21.30
N SER C 9 0.28 22.78 21.10
CA SER C 9 1.03 23.79 20.35
C SER C 9 2.36 24.06 21.05
N ASP C 10 2.33 24.32 22.37
CA ASP C 10 3.53 24.63 23.17
C ASP C 10 4.50 23.47 23.26
N LEU C 11 4.04 22.21 23.36
CA LEU C 11 4.91 21.04 23.43
C LEU C 11 5.67 20.82 22.14
N PHE C 12 5.03 21.14 21.00
CA PHE C 12 5.59 21.00 19.66
C PHE C 12 6.60 22.14 19.34
N ASN C 13 6.29 23.39 19.72
CA ASN C 13 7.09 24.59 19.45
C ASN C 13 8.28 24.79 20.41
N ARG C 14 8.15 24.37 21.69
CA ARG C 14 9.17 24.57 22.74
C ARG C 14 10.55 24.01 22.34
N SER C 15 10.57 22.96 21.49
CA SER C 15 11.79 22.34 20.99
C SER C 15 11.51 21.54 19.72
N PRO C 16 12.50 21.43 18.78
CA PRO C 16 12.27 20.63 17.56
C PRO C 16 12.08 19.15 17.88
N MET C 17 11.66 18.35 16.88
CA MET C 17 11.43 16.90 17.06
C MET C 17 12.63 16.25 17.80
N TYR C 18 12.30 15.46 18.84
CA TYR C 18 13.22 14.71 19.70
C TYR C 18 14.08 13.78 18.81
N PRO C 19 15.42 13.84 18.91
CA PRO C 19 16.26 13.07 17.97
C PRO C 19 16.47 11.59 18.34
N GLY C 20 15.71 11.12 19.32
CA GLY C 20 15.83 9.75 19.81
C GLY C 20 16.83 9.69 20.95
N PRO C 21 16.96 8.53 21.63
CA PRO C 21 17.91 8.47 22.76
C PRO C 21 19.37 8.44 22.32
N THR C 22 20.27 8.69 23.27
CA THR C 22 21.72 8.70 23.06
C THR C 22 22.38 7.97 24.23
N LYS C 23 23.69 7.70 24.14
CA LYS C 23 24.49 7.05 25.18
C LYS C 23 24.35 7.86 26.47
N ASP C 24 24.36 9.21 26.32
CA ASP C 24 24.24 10.20 27.39
C ASP C 24 22.81 10.42 27.86
N ASP C 25 21.82 10.18 26.99
CA ASP C 25 20.39 10.33 27.32
C ASP C 25 19.68 9.02 26.96
N PRO C 26 19.91 7.91 27.72
CA PRO C 26 19.29 6.64 27.35
C PRO C 26 17.83 6.58 27.75
N LEU C 27 17.12 5.61 27.20
CA LEU C 27 15.70 5.41 27.43
C LEU C 27 15.39 3.93 27.77
N THR C 28 14.41 3.69 28.64
CA THR C 28 13.96 2.35 29.01
C THR C 28 12.50 2.20 28.60
N VAL C 29 12.25 1.25 27.69
CA VAL C 29 10.91 0.94 27.18
C VAL C 29 10.40 -0.31 27.90
N THR C 30 9.17 -0.22 28.46
CA THR C 30 8.53 -1.36 29.11
C THR C 30 7.62 -2.02 28.06
N LEU C 31 7.92 -3.28 27.77
CA LEU C 31 7.20 -4.10 26.83
C LEU C 31 6.34 -5.10 27.58
N GLY C 32 5.15 -5.38 27.03
CA GLY C 32 4.24 -6.35 27.58
C GLY C 32 3.27 -6.83 26.52
N PHE C 33 3.31 -8.14 26.21
CA PHE C 33 2.45 -8.77 25.20
C PHE C 33 1.14 -9.31 25.74
N THR C 34 0.05 -9.06 24.98
CA THR C 34 -1.29 -9.61 25.23
C THR C 34 -1.58 -10.43 24.02
N LEU C 35 -1.44 -11.78 24.13
CA LEU C 35 -1.65 -12.68 22.99
C LEU C 35 -3.12 -12.97 22.83
N GLN C 36 -3.69 -12.52 21.70
CA GLN C 36 -5.11 -12.68 21.41
C GLN C 36 -5.42 -13.98 20.64
N ASP C 37 -4.59 -14.35 19.66
CA ASP C 37 -4.88 -15.55 18.85
C ASP C 37 -3.67 -16.08 18.11
N ILE C 38 -3.59 -17.42 17.95
CA ILE C 38 -2.66 -18.08 17.03
C ILE C 38 -3.56 -18.42 15.84
N VAL C 39 -3.50 -17.59 14.79
CA VAL C 39 -4.41 -17.69 13.67
C VAL C 39 -4.12 -18.89 12.75
N LYS C 40 -2.90 -18.95 12.23
CA LYS C 40 -2.51 -19.92 11.23
C LYS C 40 -1.17 -20.52 11.54
N VAL C 41 -1.02 -21.78 11.12
CA VAL C 41 0.18 -22.59 11.22
C VAL C 41 0.41 -23.15 9.81
N ASP C 42 1.60 -22.94 9.23
CA ASP C 42 1.89 -23.41 7.88
C ASP C 42 3.10 -24.32 7.91
N SER C 43 2.87 -25.61 7.69
CA SER C 43 3.87 -26.66 7.76
C SER C 43 4.67 -26.81 6.42
N SER C 44 4.19 -26.18 5.34
CA SER C 44 4.86 -26.26 4.04
C SER C 44 5.96 -25.19 3.90
N THR C 45 5.94 -24.14 4.79
CA THR C 45 6.92 -23.06 4.80
C THR C 45 7.53 -22.82 6.18
N ASN C 46 6.94 -23.38 7.25
CA ASN C 46 7.34 -23.22 8.66
C ASN C 46 7.22 -21.73 9.09
N GLU C 47 5.99 -21.22 8.98
CA GLU C 47 5.52 -19.90 9.39
C GLU C 47 4.32 -20.07 10.30
N VAL C 48 4.24 -19.24 11.33
CA VAL C 48 3.10 -19.21 12.28
C VAL C 48 2.67 -17.75 12.39
N ASP C 49 1.34 -17.51 12.38
CA ASP C 49 0.75 -16.17 12.45
C ASP C 49 0.10 -15.92 13.80
N LEU C 50 0.51 -14.82 14.47
CA LEU C 50 -0.05 -14.40 15.76
C LEU C 50 -0.75 -13.08 15.65
N VAL C 51 -1.76 -12.88 16.51
CA VAL C 51 -2.48 -11.63 16.71
C VAL C 51 -2.28 -11.31 18.19
N TYR C 52 -1.64 -10.18 18.44
CA TYR C 52 -1.31 -9.74 19.80
C TYR C 52 -1.29 -8.22 19.89
N SCH C 53 -1.20 -7.71 21.11
CA SCH C 53 -1.06 -6.29 21.40
CB SCH C 53 -2.00 -5.84 22.50
SG SCH C 53 -3.47 -5.26 21.75
SD SCH C 53 -4.50 -7.08 21.65
CE SCH C 53 -4.93 -7.29 19.86
C SCH C 53 0.29 -6.13 22.10
O SCH C 53 0.54 -6.77 23.11
N GLU C 54 1.14 -5.32 21.54
CA GLU C 54 2.44 -5.01 22.14
C GLU C 54 2.29 -3.72 22.97
N GLN C 55 2.19 -3.80 24.30
CA GLN C 55 2.09 -2.60 25.16
C GLN C 55 3.49 -1.97 25.36
N GLN C 56 3.62 -0.65 25.07
CA GLN C 56 4.89 0.05 25.17
C GLN C 56 4.78 1.27 26.03
N ARG C 57 5.73 1.44 26.98
CA ARG C 57 5.76 2.60 27.88
C ARG C 57 7.18 3.15 27.98
N TRP C 58 7.32 4.46 27.90
CA TRP C 58 8.59 5.19 28.07
C TRP C 58 8.26 6.59 28.60
N LYS C 59 9.27 7.29 29.12
CA LYS C 59 9.09 8.65 29.62
C LYS C 59 10.07 9.60 28.92
N LEU C 60 9.58 10.81 28.52
CA LEU C 60 10.38 11.83 27.87
C LEU C 60 10.25 13.16 28.56
N ASN C 61 11.38 13.77 28.96
CA ASN C 61 11.34 15.07 29.64
C ASN C 61 10.71 16.12 28.74
N SER C 62 10.93 16.01 27.42
CA SER C 62 10.42 16.94 26.42
C SER C 62 8.87 16.97 26.36
N LEU C 63 8.19 15.89 26.84
CA LEU C 63 6.72 15.83 26.82
C LEU C 63 6.09 16.17 28.20
N MET C 64 6.89 16.74 29.14
CA MET C 64 6.42 17.10 30.47
C MET C 64 5.77 18.47 30.52
N TRP C 65 4.75 18.64 31.37
CA TRP C 65 4.07 19.92 31.58
C TRP C 65 3.45 19.98 32.99
N ASP C 66 3.09 21.20 33.43
CA ASP C 66 2.43 21.46 34.71
C ASP C 66 0.92 21.60 34.46
N PRO C 67 0.09 20.65 34.96
CA PRO C 67 -1.37 20.74 34.74
C PRO C 67 -1.98 22.09 35.14
N ASN C 68 -1.44 22.74 36.19
CA ASN C 68 -1.88 24.04 36.69
C ASN C 68 -1.65 25.16 35.66
N GLU C 69 -0.73 24.95 34.71
CA GLU C 69 -0.45 25.92 33.64
C GLU C 69 -1.36 25.68 32.44
N TYR C 70 -2.00 24.48 32.35
CA TYR C 70 -2.83 24.14 31.19
C TYR C 70 -4.20 23.55 31.60
N GLY C 71 -4.98 24.34 32.33
CA GLY C 71 -6.33 23.99 32.78
C GLY C 71 -6.53 22.64 33.43
N ASN C 72 -5.59 22.26 34.32
CA ASN C 72 -5.57 21.00 35.07
C ASN C 72 -5.62 19.74 34.16
N ILE C 73 -5.08 19.86 32.91
CA ILE C 73 -4.96 18.73 31.98
C ILE C 73 -3.82 17.85 32.49
N THR C 74 -4.14 16.58 32.75
CA THR C 74 -3.19 15.62 33.31
C THR C 74 -2.60 14.70 32.24
N ASP C 75 -3.31 14.54 31.11
CA ASP C 75 -2.92 13.69 29.98
C ASP C 75 -3.70 14.06 28.70
N PHE C 76 -3.30 13.50 27.54
CA PHE C 76 -3.98 13.68 26.26
C PHE C 76 -3.62 12.58 25.29
N ARG C 77 -4.47 12.41 24.26
CA ARG C 77 -4.28 11.44 23.19
C ARG C 77 -3.74 12.14 21.97
N THR C 78 -2.74 11.53 21.30
CA THR C 78 -2.13 12.13 20.10
C THR C 78 -1.71 11.05 19.11
N SER C 79 -1.63 11.43 17.82
CA SER C 79 -1.16 10.54 16.75
C SER C 79 0.26 10.11 17.07
N ALA C 80 0.58 8.83 16.84
CA ALA C 80 1.94 8.32 17.11
C ALA C 80 2.99 8.86 16.10
N ALA C 81 2.53 9.49 15.03
CA ALA C 81 3.41 10.10 14.04
C ALA C 81 3.88 11.49 14.53
N ASP C 82 3.15 12.07 15.51
CA ASP C 82 3.43 13.38 16.12
C ASP C 82 4.48 13.28 17.22
N ILE C 83 4.78 12.08 17.71
CA ILE C 83 5.77 11.88 18.77
C ILE C 83 6.78 10.86 18.36
N TRP C 84 7.93 10.83 19.05
CA TRP C 84 8.96 9.82 18.83
C TRP C 84 8.42 8.49 19.38
N THR C 85 8.73 7.36 18.70
CA THR C 85 8.31 6.01 19.13
C THR C 85 9.50 5.06 19.08
N PRO C 86 9.63 4.00 19.93
CA PRO C 86 10.78 3.07 19.79
C PRO C 86 10.67 2.14 18.55
N ASP C 87 11.83 1.70 17.94
CA ASP C 87 11.86 0.86 16.74
C ASP C 87 11.84 -0.63 17.10
N ILE C 88 10.83 -1.03 17.94
CA ILE C 88 10.69 -2.40 18.43
C ILE C 88 10.21 -3.24 17.28
N THR C 89 11.04 -4.24 16.93
CA THR C 89 10.93 -5.12 15.79
C THR C 89 11.06 -6.57 16.18
N ALA C 90 10.33 -7.46 15.47
CA ALA C 90 10.44 -8.90 15.63
C ALA C 90 11.68 -9.28 14.84
N TYR C 91 12.63 -9.97 15.48
CA TYR C 91 13.91 -10.27 14.86
C TYR C 91 13.83 -11.39 13.86
N SER C 92 12.71 -12.15 13.82
CA SER C 92 12.56 -13.32 12.91
C SER C 92 11.20 -13.37 12.18
N SER C 93 10.68 -12.22 11.74
CA SER C 93 9.43 -12.14 10.95
C SER C 93 9.70 -12.63 9.52
N THR C 94 8.67 -13.06 8.81
CA THR C 94 8.83 -13.54 7.43
C THR C 94 8.03 -12.63 6.48
N ARG C 95 7.21 -11.74 7.08
CA ARG C 95 6.36 -10.79 6.36
C ARG C 95 6.32 -9.45 7.09
N PRO C 96 6.10 -8.31 6.37
CA PRO C 96 5.94 -7.03 7.06
C PRO C 96 4.74 -7.12 8.01
N VAL C 97 4.92 -6.74 9.28
CA VAL C 97 3.87 -6.76 10.32
C VAL C 97 2.65 -5.94 9.87
N GLN C 98 1.44 -6.48 10.06
CA GLN C 98 0.18 -5.77 9.74
C GLN C 98 -0.35 -5.10 11.00
N VAL C 99 -0.60 -3.78 10.96
CA VAL C 99 -1.10 -3.02 12.13
C VAL C 99 -2.63 -3.03 12.09
N LEU C 100 -3.26 -3.51 13.16
CA LEU C 100 -4.72 -3.71 13.24
C LEU C 100 -5.47 -2.62 14.03
N SER C 101 -4.74 -1.75 14.76
CA SER C 101 -5.33 -0.69 15.58
C SER C 101 -4.88 0.67 15.14
N PRO C 102 -5.60 1.76 15.48
CA PRO C 102 -5.12 3.11 15.11
C PRO C 102 -3.75 3.42 15.76
N GLN C 103 -2.96 4.25 15.08
CA GLN C 103 -1.64 4.67 15.58
C GLN C 103 -1.80 5.92 16.45
N ILE C 104 -2.33 5.74 17.68
CA ILE C 104 -2.56 6.82 18.65
C ILE C 104 -1.90 6.42 19.97
N ALA C 105 -1.18 7.35 20.62
CA ALA C 105 -0.54 7.17 21.93
C ALA C 105 -1.21 8.03 23.00
N VAL C 106 -0.97 7.73 24.29
CA VAL C 106 -1.49 8.54 25.41
C VAL C 106 -0.29 9.15 26.11
N VAL C 107 -0.24 10.49 26.20
CA VAL C 107 0.85 11.23 26.84
C VAL C 107 0.37 11.83 28.18
N THR C 108 1.14 11.61 29.26
CA THR C 108 0.80 12.09 30.62
C THR C 108 1.74 13.24 31.01
N HIS C 109 1.31 14.15 31.91
CA HIS C 109 2.03 15.36 32.33
C HIS C 109 3.45 15.09 32.86
N ASP C 110 3.73 13.88 33.33
CA ASP C 110 5.06 13.52 33.80
C ASP C 110 6.01 13.17 32.63
N GLY C 111 5.49 13.23 31.40
CA GLY C 111 6.24 12.93 30.19
C GLY C 111 6.17 11.49 29.72
N SER C 112 5.43 10.65 30.44
CA SER C 112 5.29 9.23 30.11
C SER C 112 4.29 9.03 28.99
N VAL C 113 4.59 8.02 28.16
CA VAL C 113 3.81 7.66 27.00
C VAL C 113 3.40 6.19 27.09
N MET C 114 2.17 5.91 26.67
CA MET C 114 1.68 4.57 26.53
C MET C 114 1.11 4.43 25.15
N PHE C 115 1.62 3.44 24.40
CA PHE C 115 1.26 3.14 23.04
C PHE C 115 1.06 1.61 22.92
N ILE C 116 -0.16 1.15 22.55
CA ILE C 116 -0.53 -0.27 22.46
C ILE C 116 -0.94 -0.70 21.00
N PRO C 117 0.01 -0.88 20.07
CA PRO C 117 -0.39 -1.31 18.72
C PRO C 117 -0.83 -2.78 18.69
N ALA C 118 -2.01 -3.04 18.10
CA ALA C 118 -2.47 -4.42 17.86
C ALA C 118 -1.91 -4.86 16.51
N GLN C 119 -1.17 -6.00 16.48
CA GLN C 119 -0.54 -6.43 15.23
C GLN C 119 -0.73 -7.91 14.88
N ARG C 120 -0.62 -8.24 13.58
CA ARG C 120 -0.57 -9.61 13.07
C ARG C 120 0.86 -9.89 12.58
N LEU C 121 1.51 -10.89 13.19
CA LEU C 121 2.87 -11.26 12.85
C LEU C 121 2.95 -12.66 12.27
N SER C 122 3.75 -12.81 11.20
CA SER C 122 4.06 -14.04 10.49
C SER C 122 5.54 -14.28 10.77
N PHE C 123 5.89 -15.28 11.57
CA PHE C 123 7.29 -15.49 11.95
C PHE C 123 7.75 -16.95 11.77
N MET C 124 9.09 -17.17 11.85
CA MET C 124 9.73 -18.48 11.65
C MET C 124 9.41 -19.40 12.81
N CYS C 125 8.76 -20.55 12.49
CA CYS C 125 8.32 -21.52 13.47
C CYS C 125 7.98 -22.86 12.79
N ASP C 126 8.68 -23.96 13.16
CA ASP C 126 8.41 -25.32 12.67
C ASP C 126 7.26 -25.88 13.52
N PRO C 127 6.04 -26.08 12.97
CA PRO C 127 4.92 -26.50 13.84
C PRO C 127 4.85 -28.00 14.13
N THR C 128 5.84 -28.78 13.66
CA THR C 128 5.89 -30.22 13.87
C THR C 128 5.64 -30.52 15.35
N GLY C 129 4.58 -31.30 15.60
CA GLY C 129 4.17 -31.71 16.93
C GLY C 129 3.03 -30.91 17.52
N VAL C 130 2.46 -29.95 16.73
CA VAL C 130 1.33 -29.11 17.14
C VAL C 130 0.10 -30.00 17.44
N ASP C 131 -0.06 -31.08 16.69
CA ASP C 131 -1.17 -32.03 16.81
C ASP C 131 -0.96 -33.03 17.94
N SER C 132 0.23 -33.06 18.59
CA SER C 132 0.53 -33.97 19.69
C SER C 132 0.04 -33.41 21.03
N GLU C 133 0.06 -34.27 22.08
CA GLU C 133 -0.35 -33.92 23.44
C GLU C 133 0.57 -32.83 24.03
N GLU C 134 1.88 -32.94 23.77
CA GLU C 134 2.95 -32.06 24.25
C GLU C 134 2.91 -30.70 23.54
N GLY C 135 2.40 -30.71 22.32
CA GLY C 135 2.33 -29.51 21.51
C GLY C 135 3.69 -29.11 20.97
N VAL C 136 3.76 -27.88 20.44
CA VAL C 136 4.99 -27.35 19.85
C VAL C 136 5.34 -26.02 20.52
N THR C 137 6.63 -25.74 20.68
CA THR C 137 7.15 -24.51 21.27
C THR C 137 7.77 -23.66 20.19
N CYS C 138 7.45 -22.37 20.14
CA CYS C 138 8.05 -21.45 19.16
C CYS C 138 8.38 -20.14 19.81
N ALA C 139 9.48 -19.50 19.37
CA ALA C 139 9.94 -18.24 19.96
C ALA C 139 10.25 -17.17 18.94
N VAL C 140 10.04 -15.91 19.32
CA VAL C 140 10.33 -14.72 18.53
C VAL C 140 10.84 -13.64 19.49
N LYS C 141 12.00 -13.04 19.14
CA LYS C 141 12.64 -11.95 19.88
C LYS C 141 12.12 -10.58 19.38
N PHE C 142 11.84 -9.66 20.33
CA PHE C 142 11.42 -8.30 20.02
C PHE C 142 12.38 -7.34 20.67
N GLY C 143 12.77 -6.31 19.94
CA GLY C 143 13.67 -5.26 20.42
C GLY C 143 13.96 -4.23 19.33
N SER C 144 14.71 -3.18 19.69
CA SER C 144 15.12 -2.14 18.76
C SER C 144 16.02 -2.71 17.69
N TRP C 145 15.82 -2.25 16.47
CA TRP C 145 16.63 -2.67 15.35
C TRP C 145 17.98 -1.96 15.31
N VAL C 146 18.04 -0.67 15.71
CA VAL C 146 19.27 0.10 15.54
C VAL C 146 19.84 0.64 16.85
N TYR C 147 19.08 0.66 17.95
CA TYR C 147 19.63 1.16 19.21
C TYR C 147 20.11 0.00 20.13
N SER C 148 21.37 0.10 20.58
CA SER C 148 21.96 -0.88 21.51
C SER C 148 21.48 -0.62 22.94
N GLY C 149 21.95 -1.46 23.87
CA GLY C 149 21.64 -1.43 25.30
C GLY C 149 22.01 -0.13 26.00
N PHE C 150 22.96 0.65 25.43
CA PHE C 150 23.41 1.96 25.93
C PHE C 150 22.44 3.08 25.53
N GLU C 151 21.58 2.84 24.53
CA GLU C 151 20.63 3.84 24.04
C GLU C 151 19.18 3.41 24.40
N ILE C 152 18.79 2.17 24.07
CA ILE C 152 17.46 1.68 24.44
C ILE C 152 17.62 0.41 25.26
N ASP C 153 17.05 0.43 26.46
CA ASP C 153 16.96 -0.71 27.36
C ASP C 153 15.50 -1.18 27.37
N LEU C 154 15.26 -2.46 27.64
CA LEU C 154 13.90 -2.98 27.70
C LEU C 154 13.64 -3.58 29.04
N LYS C 155 12.37 -3.55 29.44
CA LYS C 155 11.91 -4.03 30.73
C LYS C 155 10.50 -4.63 30.57
N THR C 156 10.17 -5.62 31.39
CA THR C 156 8.84 -6.23 31.46
C THR C 156 8.36 -6.09 32.90
N ASP C 157 7.04 -5.97 33.12
CA ASP C 157 6.46 -5.90 34.45
C ASP C 157 6.30 -7.31 35.04
N THR C 158 6.18 -8.32 34.17
CA THR C 158 6.00 -9.72 34.52
C THR C 158 6.62 -10.59 33.42
N ASP C 159 6.97 -11.85 33.76
CA ASP C 159 7.54 -12.81 32.82
C ASP C 159 6.45 -13.55 32.08
N GLN C 160 5.20 -13.37 32.58
CA GLN C 160 3.99 -13.98 32.05
C GLN C 160 3.31 -13.10 31.02
N VAL C 161 3.03 -13.68 29.84
CA VAL C 161 2.28 -13.03 28.75
C VAL C 161 0.78 -12.96 29.19
N ASP C 162 0.09 -11.85 28.86
CA ASP C 162 -1.32 -11.72 29.21
C ASP C 162 -2.17 -12.61 28.27
N LEU C 163 -2.88 -13.55 28.88
CA LEU C 163 -3.70 -14.53 28.15
C LEU C 163 -5.20 -14.35 28.45
N SER C 164 -5.54 -13.29 29.21
CA SER C 164 -6.92 -12.99 29.61
C SER C 164 -7.81 -12.58 28.41
N SER C 165 -7.20 -12.29 27.23
CA SER C 165 -7.93 -11.88 26.02
C SER C 165 -7.75 -12.90 24.88
N TYR C 166 -7.08 -14.05 25.18
CA TYR C 166 -6.85 -15.08 24.18
C TYR C 166 -8.18 -15.66 23.75
N TYR C 167 -8.43 -15.69 22.44
CA TYR C 167 -9.65 -16.21 21.82
C TYR C 167 -9.83 -17.68 22.19
N ALA C 168 -10.88 -17.96 22.97
CA ALA C 168 -11.20 -19.32 23.44
C ALA C 168 -11.40 -20.32 22.29
N SER C 169 -12.16 -19.94 21.26
CA SER C 169 -12.47 -20.84 20.15
C SER C 169 -11.40 -20.80 19.01
N SER C 170 -10.16 -20.43 19.35
CA SER C 170 -9.05 -20.41 18.43
C SER C 170 -8.75 -21.87 17.99
N LYS C 171 -8.10 -22.08 16.84
CA LYS C 171 -7.73 -23.46 16.43
C LYS C 171 -6.65 -24.00 17.37
N TYR C 172 -5.89 -23.10 18.02
CA TYR C 172 -4.81 -23.52 18.90
C TYR C 172 -5.00 -23.04 20.33
N GLU C 173 -4.74 -23.95 21.29
CA GLU C 173 -4.80 -23.65 22.71
C GLU C 173 -3.37 -23.39 23.25
N ILE C 174 -3.24 -22.46 24.23
CA ILE C 174 -1.92 -22.10 24.76
C ILE C 174 -1.59 -22.94 25.95
N LEU C 175 -0.41 -23.57 25.94
CA LEU C 175 0.07 -24.39 27.06
C LEU C 175 0.91 -23.52 27.98
N SER C 176 1.68 -22.59 27.41
CA SER C 176 2.50 -21.63 28.13
C SER C 176 2.86 -20.46 27.22
N ALA C 177 3.03 -19.27 27.78
CA ALA C 177 3.43 -18.07 27.04
C ALA C 177 4.28 -17.17 27.97
N THR C 178 5.56 -16.98 27.59
CA THR C 178 6.54 -16.27 28.39
C THR C 178 7.18 -15.10 27.64
N GLN C 179 7.47 -14.00 28.39
CA GLN C 179 8.15 -12.81 27.83
C GLN C 179 9.37 -12.47 28.72
N THR C 180 10.57 -12.80 28.28
CA THR C 180 11.73 -12.59 29.15
C THR C 180 12.82 -11.77 28.50
N ARG C 181 13.30 -10.77 29.25
CA ARG C 181 14.37 -9.86 28.88
C ARG C 181 15.69 -10.61 28.73
N GLN C 182 16.42 -10.32 27.65
CA GLN C 182 17.72 -10.94 27.42
C GLN C 182 18.64 -9.98 26.71
N VAL C 183 19.97 -10.14 26.95
CA VAL C 183 20.98 -9.28 26.33
C VAL C 183 21.89 -10.14 25.46
N GLN C 184 21.98 -9.78 24.15
CA GLN C 184 22.75 -10.48 23.12
C GLN C 184 23.77 -9.59 22.40
N HIS C 185 24.73 -10.23 21.72
CA HIS C 185 25.72 -9.60 20.84
C HIS C 185 25.47 -10.09 19.41
N TYR C 186 25.77 -9.28 18.40
CA TYR C 186 25.55 -9.64 16.99
C TYR C 186 26.83 -9.38 16.15
N SER C 187 26.95 -10.06 15.01
CA SER C 187 28.10 -10.02 14.09
C SER C 187 28.41 -8.60 13.55
N CYS C 188 27.35 -7.84 13.24
CA CYS C 188 27.37 -6.48 12.70
C CYS C 188 28.05 -5.45 13.59
N CYS C 189 27.71 -5.52 14.87
CA CYS C 189 27.83 -4.50 15.89
C CYS C 189 28.60 -4.93 17.16
N PRO C 190 29.38 -4.01 17.77
CA PRO C 190 30.15 -4.38 18.97
C PRO C 190 29.38 -4.27 20.29
N GLU C 191 28.46 -3.28 20.40
CA GLU C 191 27.65 -3.01 21.59
C GLU C 191 26.58 -4.14 21.82
N PRO C 192 26.21 -4.42 23.09
CA PRO C 192 25.17 -5.46 23.33
C PRO C 192 23.76 -4.94 23.11
N TYR C 193 22.98 -5.66 22.32
CA TYR C 193 21.60 -5.27 22.05
C TYR C 193 20.70 -6.00 23.03
N ILE C 194 19.60 -5.38 23.43
CA ILE C 194 18.73 -6.09 24.39
C ILE C 194 17.36 -6.38 23.70
N ASP C 195 16.71 -7.51 24.08
CA ASP C 195 15.43 -7.96 23.52
C ASP C 195 14.51 -8.65 24.56
N VAL C 196 13.22 -8.77 24.22
CA VAL C 196 12.20 -9.48 24.99
C VAL C 196 11.83 -10.71 24.18
N ASN C 197 12.11 -11.89 24.72
CA ASN C 197 11.89 -13.14 24.02
C ASN C 197 10.52 -13.70 24.33
N LEU C 198 9.66 -13.74 23.30
CA LEU C 198 8.29 -14.26 23.38
C LEU C 198 8.34 -15.73 23.04
N VAL C 199 8.15 -16.60 24.07
CA VAL C 199 8.16 -18.05 23.91
C VAL C 199 6.77 -18.56 24.20
N VAL C 200 6.17 -19.24 23.23
CA VAL C 200 4.82 -19.76 23.42
C VAL C 200 4.75 -21.22 22.99
N LYS C 201 4.26 -22.05 23.94
CA LYS C 201 4.01 -23.48 23.76
C LYS C 201 2.50 -23.63 23.49
N PHE C 202 2.16 -24.28 22.36
CA PHE C 202 0.76 -24.44 21.98
C PHE C 202 0.50 -25.77 21.28
N ARG C 203 -0.77 -26.13 21.16
CA ARG C 203 -1.21 -27.34 20.44
C ARG C 203 -2.59 -27.14 19.80
N GLU C 204 -2.97 -28.03 18.86
CA GLU C 204 -4.28 -27.98 18.22
C GLU C 204 -5.39 -28.23 19.26
N ARG C 205 -6.40 -27.37 19.29
CA ARG C 205 -7.50 -27.51 20.24
C ARG C 205 -8.47 -28.54 19.71
N ARG C 206 -8.90 -29.49 20.55
CA ARG C 206 -9.92 -30.47 20.13
C ARG C 206 -11.28 -29.80 20.12
N ALA C 207 -12.06 -29.99 19.02
CA ALA C 207 -13.41 -29.44 18.83
C ALA C 207 -14.37 -29.71 20.04
N GLY C 208 -15.31 -28.91 20.20
N GLN D 1 -20.85 28.37 -5.24
CA GLN D 1 -19.56 27.76 -4.92
C GLN D 1 -18.79 28.69 -3.98
N ALA D 2 -18.83 30.02 -4.25
CA ALA D 2 -18.17 31.09 -3.48
C ALA D 2 -18.49 31.02 -1.98
N ASN D 3 -19.80 30.93 -1.61
CA ASN D 3 -20.29 30.83 -0.23
C ASN D 3 -19.74 29.60 0.48
N LEU D 4 -19.80 28.42 -0.17
CA LEU D 4 -19.30 27.19 0.44
C LEU D 4 -17.79 27.26 0.63
N MET D 5 -17.07 27.77 -0.39
CA MET D 5 -15.62 27.98 -0.36
C MET D 5 -15.25 28.84 0.83
N ARG D 6 -16.03 29.92 1.08
CA ARG D 6 -15.87 30.84 2.21
C ARG D 6 -16.13 30.10 3.54
N LEU D 7 -17.25 29.38 3.66
CA LEU D 7 -17.61 28.64 4.87
C LEU D 7 -16.51 27.67 5.27
N LYS D 8 -16.06 26.85 4.32
CA LYS D 8 -15.00 25.86 4.51
C LYS D 8 -13.69 26.56 4.94
N SER D 9 -13.39 27.72 4.32
CA SER D 9 -12.21 28.52 4.67
C SER D 9 -12.33 29.02 6.11
N ASP D 10 -13.49 29.59 6.47
CA ASP D 10 -13.72 30.14 7.80
C ASP D 10 -13.75 29.06 8.87
N LEU D 11 -14.30 27.85 8.61
CA LEU D 11 -14.32 26.77 9.61
C LEU D 11 -12.93 26.24 9.91
N PHE D 12 -12.04 26.26 8.91
CA PHE D 12 -10.65 25.80 9.02
C PHE D 12 -9.74 26.85 9.75
N ASN D 13 -9.92 28.15 9.42
CA ASN D 13 -9.15 29.26 9.96
C ASN D 13 -9.57 29.73 11.35
N ARG D 14 -10.89 29.68 11.68
CA ARG D 14 -11.48 30.16 12.95
C ARG D 14 -10.80 29.56 14.20
N SER D 15 -10.26 28.32 14.07
CA SER D 15 -9.56 27.63 15.14
C SER D 15 -8.67 26.51 14.58
N PRO D 16 -7.52 26.18 15.24
CA PRO D 16 -6.70 25.06 14.76
C PRO D 16 -7.44 23.72 14.91
N MET D 17 -6.92 22.66 14.27
CA MET D 17 -7.52 21.32 14.28
C MET D 17 -7.95 20.94 15.73
N TYR D 18 -9.21 20.47 15.85
CA TYR D 18 -9.88 19.97 17.06
C TYR D 18 -9.01 18.86 17.68
N PRO D 19 -8.62 18.97 18.97
CA PRO D 19 -7.68 17.98 19.53
C PRO D 19 -8.32 16.68 20.02
N GLY D 20 -9.58 16.46 19.68
CA GLY D 20 -10.33 15.29 20.11
C GLY D 20 -11.02 15.54 21.43
N PRO D 21 -11.88 14.63 21.90
CA PRO D 21 -12.57 14.87 23.17
C PRO D 21 -11.67 14.74 24.40
N THR D 22 -12.15 15.26 25.53
CA THR D 22 -11.48 15.22 26.83
C THR D 22 -12.49 14.87 27.91
N LYS D 23 -12.02 14.58 29.15
CA LYS D 23 -12.88 14.28 30.31
C LYS D 23 -13.87 15.44 30.51
N ASP D 24 -13.37 16.69 30.32
CA ASP D 24 -14.08 17.95 30.43
C ASP D 24 -14.95 18.27 29.21
N ASP D 25 -14.59 17.76 28.03
CA ASP D 25 -15.35 17.98 26.78
C ASP D 25 -15.61 16.60 26.14
N PRO D 26 -16.50 15.76 26.73
CA PRO D 26 -16.70 14.42 26.18
C PRO D 26 -17.57 14.44 24.93
N LEU D 27 -17.57 13.31 24.21
CA LEU D 27 -18.31 13.13 22.98
C LEU D 27 -19.09 11.82 22.96
N THR D 28 -20.29 11.81 22.36
CA THR D 28 -21.13 10.61 22.21
C THR D 28 -21.27 10.32 20.73
N VAL D 29 -20.79 9.12 20.32
CA VAL D 29 -20.86 8.62 18.96
C VAL D 29 -22.01 7.63 18.85
N THR D 30 -22.88 7.81 17.86
CA THR D 30 -23.96 6.87 17.60
C THR D 30 -23.51 5.92 16.50
N LEU D 31 -23.49 4.59 16.80
CA LEU D 31 -23.11 3.52 15.85
C LEU D 31 -24.34 2.77 15.35
N GLY D 32 -24.28 2.39 14.08
CA GLY D 32 -25.28 1.59 13.40
C GLY D 32 -24.59 0.74 12.35
N PHE D 33 -24.95 -0.55 12.25
CA PHE D 33 -24.35 -1.49 11.28
C PHE D 33 -25.36 -1.99 10.28
N THR D 34 -25.00 -1.87 9.00
CA THR D 34 -25.80 -2.41 7.91
C THR D 34 -24.97 -3.54 7.36
N LEU D 35 -25.33 -4.79 7.72
CA LEU D 35 -24.58 -5.97 7.29
C LEU D 35 -25.01 -6.34 5.86
N GLN D 36 -24.08 -6.24 4.93
CA GLN D 36 -24.35 -6.47 3.51
C GLN D 36 -24.07 -7.93 3.12
N ASP D 37 -22.98 -8.53 3.63
CA ASP D 37 -22.64 -9.90 3.25
C ASP D 37 -21.67 -10.57 4.21
N ILE D 38 -21.84 -11.91 4.39
CA ILE D 38 -20.86 -12.78 5.04
C ILE D 38 -20.18 -13.45 3.87
N VAL D 39 -19.00 -12.92 3.50
CA VAL D 39 -18.31 -13.34 2.28
C VAL D 39 -17.69 -14.75 2.40
N LYS D 40 -16.81 -14.92 3.38
CA LYS D 40 -16.00 -16.11 3.55
C LYS D 40 -15.98 -16.55 5.00
N VAL D 41 -15.85 -17.86 5.16
CA VAL D 41 -15.74 -18.60 6.40
C VAL D 41 -14.51 -19.49 6.22
N ASP D 42 -13.53 -19.43 7.13
CA ASP D 42 -12.33 -20.26 7.02
C ASP D 42 -12.18 -21.09 8.28
N SER D 43 -12.42 -22.39 8.15
CA SER D 43 -12.40 -23.35 9.24
C SER D 43 -10.97 -23.86 9.59
N SER D 44 -9.98 -23.58 8.73
CA SER D 44 -8.60 -23.99 8.95
C SER D 44 -7.84 -22.98 9.82
N THR D 45 -8.37 -21.74 9.94
CA THR D 45 -7.75 -20.67 10.74
C THR D 45 -8.74 -20.03 11.73
N ASN D 46 -10.06 -20.30 11.58
CA ASN D 46 -11.16 -19.73 12.38
C ASN D 46 -11.22 -18.21 12.23
N GLU D 47 -11.41 -17.77 10.97
CA GLU D 47 -11.60 -16.39 10.52
C GLU D 47 -12.87 -16.34 9.69
N VAL D 48 -13.64 -15.25 9.83
CA VAL D 48 -14.87 -15.00 9.08
C VAL D 48 -14.77 -13.58 8.53
N ASP D 49 -15.18 -13.37 7.27
CA ASP D 49 -15.10 -12.08 6.57
C ASP D 49 -16.47 -11.49 6.36
N LEU D 50 -16.66 -10.24 6.82
CA LEU D 50 -17.92 -9.52 6.66
C LEU D 50 -17.76 -8.28 5.82
N VAL D 51 -18.82 -7.94 5.07
CA VAL D 51 -18.93 -6.67 4.36
C VAL D 51 -20.11 -5.95 4.99
N TYR D 52 -19.86 -4.76 5.50
CA TYR D 52 -20.87 -3.97 6.21
C TYR D 52 -20.58 -2.48 6.10
N SCH D 53 -21.56 -1.66 6.48
CA SCH D 53 -21.43 -0.22 6.54
CB SCH D 53 -22.63 0.47 5.96
SG SCH D 53 -22.31 0.77 4.25
SD SCH D 53 -23.02 -1.00 3.46
CE SCH D 53 -21.57 -1.70 2.55
C SCH D 53 -21.60 0.16 8.00
O SCH D 53 -22.57 -0.23 8.66
N GLU D 54 -20.66 0.94 8.50
CA GLU D 54 -20.72 1.43 9.86
C GLU D 54 -21.18 2.93 9.85
N GLN D 55 -22.43 3.19 10.25
CA GLN D 55 -22.91 4.57 10.28
C GLN D 55 -22.46 5.18 11.58
N GLN D 56 -21.76 6.31 11.47
CA GLN D 56 -21.23 7.06 12.61
C GLN D 56 -21.82 8.46 12.67
N ARG D 57 -22.25 8.88 13.89
CA ARG D 57 -22.78 10.23 14.11
C ARG D 57 -22.23 10.83 15.41
N TRP D 58 -21.70 12.07 15.33
CA TRP D 58 -21.21 12.91 16.45
C TRP D 58 -21.48 14.36 16.13
N LYS D 59 -21.49 15.24 17.14
CA LYS D 59 -21.70 16.69 16.99
C LYS D 59 -20.50 17.45 17.58
N LEU D 60 -20.05 18.52 16.90
CA LEU D 60 -18.93 19.35 17.33
C LEU D 60 -19.28 20.82 17.27
N ASN D 61 -19.10 21.54 18.37
CA ASN D 61 -19.37 22.98 18.42
C ASN D 61 -18.52 23.74 17.41
N SER D 62 -17.29 23.26 17.18
CA SER D 62 -16.33 23.87 16.25
C SER D 62 -16.82 23.82 14.80
N LEU D 63 -17.75 22.93 14.45
CA LEU D 63 -18.25 22.82 13.09
C LEU D 63 -19.62 23.52 12.90
N MET D 64 -20.03 24.35 13.86
CA MET D 64 -21.33 25.06 13.80
C MET D 64 -21.24 26.37 13.04
N TRP D 65 -22.31 26.72 12.28
CA TRP D 65 -22.42 27.97 11.55
C TRP D 65 -23.89 28.41 11.39
N ASP D 66 -24.10 29.69 11.03
CA ASP D 66 -25.40 30.28 10.77
C ASP D 66 -25.64 30.28 9.25
N PRO D 67 -26.61 29.48 8.74
CA PRO D 67 -26.86 29.45 7.29
C PRO D 67 -27.10 30.83 6.65
N ASN D 68 -27.72 31.77 7.41
CA ASN D 68 -27.99 33.13 6.96
C ASN D 68 -26.68 33.92 6.70
N GLU D 69 -25.56 33.49 7.32
CA GLU D 69 -24.27 34.12 7.14
C GLU D 69 -23.53 33.51 5.95
N TYR D 70 -23.95 32.31 5.47
CA TYR D 70 -23.27 31.64 4.37
C TYR D 70 -24.23 31.14 3.28
N GLY D 71 -24.96 32.08 2.67
CA GLY D 71 -25.91 31.85 1.58
C GLY D 71 -26.91 30.71 1.76
N ASN D 72 -27.50 30.61 2.98
CA ASN D 72 -28.49 29.59 3.39
C ASN D 72 -27.97 28.15 3.22
N ILE D 73 -26.64 27.94 3.34
CA ILE D 73 -26.04 26.61 3.30
C ILE D 73 -26.35 25.95 4.65
N THR D 74 -27.03 24.80 4.60
CA THR D 74 -27.48 24.08 5.79
C THR D 74 -26.54 22.91 6.13
N ASP D 75 -25.79 22.43 5.13
CA ASP D 75 -24.87 21.31 5.26
C ASP D 75 -23.88 21.28 4.07
N PHE D 76 -22.84 20.41 4.14
CA PHE D 76 -21.88 20.21 3.06
C PHE D 76 -21.18 18.87 3.23
N ARG D 77 -20.59 18.40 2.13
CA ARG D 77 -19.80 17.18 2.07
C ARG D 77 -18.35 17.54 2.08
N THR D 78 -17.55 16.83 2.89
CA THR D 78 -16.12 17.11 3.00
C THR D 78 -15.32 15.82 3.18
N SER D 79 -14.02 15.85 2.79
CA SER D 79 -13.12 14.73 3.00
C SER D 79 -13.02 14.45 4.51
N ALA D 80 -13.03 13.19 4.90
CA ALA D 80 -12.94 12.81 6.32
C ALA D 80 -11.53 13.10 6.90
N ALA D 81 -10.55 13.36 6.02
CA ALA D 81 -9.20 13.70 6.45
C ALA D 81 -9.12 15.19 6.89
N ASP D 82 -10.10 16.00 6.45
CA ASP D 82 -10.23 17.43 6.75
C ASP D 82 -10.86 17.69 8.11
N ILE D 83 -11.51 16.68 8.70
CA ILE D 83 -12.18 16.81 10.00
C ILE D 83 -11.71 15.72 10.94
N TRP D 84 -11.95 15.90 12.25
CA TRP D 84 -11.67 14.91 13.28
C TRP D 84 -12.69 13.80 13.10
N THR D 85 -12.27 12.52 13.24
CA THR D 85 -13.16 11.35 13.18
C THR D 85 -12.83 10.42 14.35
N PRO D 86 -13.81 9.73 14.98
CA PRO D 86 -13.46 8.82 16.09
C PRO D 86 -12.73 7.57 15.60
N ASP D 87 -11.84 7.00 16.44
CA ASP D 87 -11.02 5.81 16.14
C ASP D 87 -11.78 4.52 16.46
N ILE D 88 -13.01 4.35 15.89
CA ILE D 88 -13.80 3.15 16.16
C ILE D 88 -13.09 2.00 15.50
N THR D 89 -12.74 0.98 16.30
CA THR D 89 -11.95 -0.18 15.90
C THR D 89 -12.62 -1.48 16.31
N ALA D 90 -12.43 -2.53 15.48
CA ALA D 90 -12.86 -3.89 15.81
C ALA D 90 -11.80 -4.42 16.76
N TYR D 91 -12.21 -4.89 17.94
CA TYR D 91 -11.27 -5.32 18.96
C TYR D 91 -10.63 -6.67 18.66
N SER D 92 -11.22 -7.47 17.74
CA SER D 92 -10.77 -8.83 17.43
C SER D 92 -10.61 -9.12 15.91
N SER D 93 -10.07 -8.14 15.16
CA SER D 93 -9.78 -8.34 13.73
C SER D 93 -8.50 -9.20 13.59
N THR D 94 -8.32 -9.87 12.44
CA THR D 94 -7.12 -10.69 12.21
C THR D 94 -6.32 -10.11 11.03
N ARG D 95 -6.90 -9.09 10.35
CA ARG D 95 -6.30 -8.39 9.21
C ARG D 95 -6.62 -6.91 9.28
N PRO D 96 -5.78 -6.00 8.71
CA PRO D 96 -6.17 -4.57 8.70
C PRO D 96 -7.47 -4.40 7.91
N VAL D 97 -8.48 -3.74 8.46
CA VAL D 97 -9.77 -3.50 7.79
C VAL D 97 -9.59 -2.84 6.41
N GLN D 98 -10.28 -3.35 5.38
CA GLN D 98 -10.25 -2.80 4.03
C GLN D 98 -11.41 -1.83 3.87
N VAL D 99 -11.13 -0.57 3.45
CA VAL D 99 -12.16 0.46 3.23
C VAL D 99 -12.62 0.37 1.75
N LEU D 100 -13.95 0.21 1.57
CA LEU D 100 -14.57 -0.01 0.26
C LEU D 100 -15.25 1.22 -0.33
N SER D 101 -15.45 2.27 0.46
CA SER D 101 -16.17 3.48 0.02
C SER D 101 -15.31 4.72 0.15
N PRO D 102 -15.62 5.84 -0.57
CA PRO D 102 -14.84 7.07 -0.41
C PRO D 102 -14.85 7.60 1.05
N GLN D 103 -13.76 8.23 1.49
CA GLN D 103 -13.70 8.76 2.87
C GLN D 103 -14.23 10.21 2.87
N ILE D 104 -15.56 10.35 2.77
CA ILE D 104 -16.23 11.65 2.75
C ILE D 104 -17.33 11.64 3.81
N ALA D 105 -17.42 12.73 4.62
CA ALA D 105 -18.44 12.89 5.68
C ALA D 105 -19.44 13.99 5.29
N VAL D 106 -20.62 14.02 5.96
CA VAL D 106 -21.63 15.10 5.75
C VAL D 106 -21.70 15.92 7.04
N VAL D 107 -21.40 17.22 6.96
CA VAL D 107 -21.42 18.13 8.13
C VAL D 107 -22.61 19.06 8.00
N THR D 108 -23.34 19.27 9.11
CA THR D 108 -24.56 20.10 9.16
C THR D 108 -24.31 21.32 10.03
N HIS D 109 -25.06 22.43 9.78
CA HIS D 109 -24.89 23.74 10.44
C HIS D 109 -24.96 23.68 11.98
N ASP D 110 -25.60 22.64 12.55
CA ASP D 110 -25.70 22.47 14.00
C ASP D 110 -24.40 21.84 14.58
N GLY D 111 -23.45 21.55 13.70
CA GLY D 111 -22.17 20.95 14.07
C GLY D 111 -22.14 19.43 14.01
N SER D 112 -23.26 18.79 13.64
CA SER D 112 -23.36 17.34 13.57
C SER D 112 -22.71 16.80 12.30
N VAL D 113 -22.14 15.60 12.41
CA VAL D 113 -21.40 14.92 11.35
C VAL D 113 -21.91 13.50 11.23
N MET D 114 -22.09 13.07 9.97
CA MET D 114 -22.48 11.73 9.63
C MET D 114 -21.48 11.20 8.63
N PHE D 115 -20.91 10.04 8.93
CA PHE D 115 -19.88 9.38 8.16
C PHE D 115 -20.20 7.88 8.10
N ILE D 116 -20.36 7.33 6.86
CA ILE D 116 -20.75 5.92 6.68
C ILE D 116 -19.70 5.13 5.86
N PRO D 117 -18.59 4.65 6.48
CA PRO D 117 -17.60 3.88 5.70
C PRO D 117 -18.02 2.45 5.43
N ALA D 118 -17.96 2.00 4.17
CA ALA D 118 -18.22 0.59 3.86
C ALA D 118 -16.90 -0.16 4.03
N GLN D 119 -16.89 -1.22 4.84
CA GLN D 119 -15.65 -1.96 5.11
C GLN D 119 -15.77 -3.48 4.98
N ARG D 120 -14.61 -4.16 4.74
CA ARG D 120 -14.48 -5.62 4.79
C ARG D 120 -13.63 -5.98 5.98
N LEU D 121 -14.20 -6.77 6.89
CA LEU D 121 -13.52 -7.19 8.11
C LEU D 121 -13.30 -8.69 8.15
N SER D 122 -12.09 -9.09 8.54
CA SER D 122 -11.65 -10.45 8.75
C SER D 122 -11.45 -10.58 10.27
N PHE D 123 -12.32 -11.32 10.97
CA PHE D 123 -12.22 -11.38 12.45
C PHE D 123 -12.25 -12.83 12.99
N MET D 124 -11.91 -12.98 14.28
CA MET D 124 -11.84 -14.26 15.00
C MET D 124 -13.22 -14.84 15.19
N CYS D 125 -13.43 -16.07 14.64
CA CYS D 125 -14.72 -16.75 14.66
C CYS D 125 -14.56 -18.21 14.27
N ASP D 126 -14.96 -19.14 15.17
CA ASP D 126 -14.93 -20.58 14.89
C ASP D 126 -16.23 -20.92 14.15
N PRO D 127 -16.20 -21.29 12.87
CA PRO D 127 -17.47 -21.50 12.15
C PRO D 127 -18.11 -22.88 12.35
N THR D 128 -17.55 -23.72 13.21
CA THR D 128 -18.07 -25.07 13.47
C THR D 128 -19.57 -25.00 13.77
N GLY D 129 -20.34 -25.67 12.93
CA GLY D 129 -21.79 -25.71 13.06
C GLY D 129 -22.54 -24.83 12.07
N VAL D 130 -21.78 -24.14 11.17
CA VAL D 130 -22.34 -23.26 10.14
C VAL D 130 -23.27 -24.07 9.19
N ASP D 131 -22.92 -25.32 8.92
CA ASP D 131 -23.65 -26.22 8.04
C ASP D 131 -24.86 -26.89 8.76
N SER D 132 -25.01 -26.68 10.08
CA SER D 132 -26.14 -27.25 10.84
C SER D 132 -27.39 -26.36 10.73
N GLU D 133 -28.53 -26.89 11.18
CA GLU D 133 -29.82 -26.22 11.16
C GLU D 133 -29.80 -24.97 12.06
N GLU D 134 -29.16 -25.10 13.25
CA GLU D 134 -29.02 -24.07 14.27
C GLU D 134 -28.04 -22.97 13.83
N GLY D 135 -27.09 -23.33 12.99
CA GLY D 135 -26.06 -22.41 12.51
C GLY D 135 -25.01 -22.13 13.57
N VAL D 136 -24.22 -21.08 13.37
CA VAL D 136 -23.14 -20.71 14.28
C VAL D 136 -23.31 -19.24 14.66
N THR D 137 -22.91 -18.88 15.87
CA THR D 137 -22.98 -17.51 16.39
C THR D 137 -21.58 -16.97 16.53
N CYS D 138 -21.34 -15.76 16.03
CA CYS D 138 -20.04 -15.15 16.21
C CYS D 138 -20.18 -13.68 16.62
N ALA D 139 -19.24 -13.17 17.42
CA ALA D 139 -19.31 -11.79 17.86
C ALA D 139 -17.99 -11.04 17.69
N VAL D 140 -18.10 -9.73 17.49
CA VAL D 140 -16.97 -8.79 17.35
C VAL D 140 -17.40 -7.48 18.00
N LYS D 141 -16.53 -6.95 18.88
CA LYS D 141 -16.70 -5.68 19.59
C LYS D 141 -16.09 -4.51 18.80
N PHE D 142 -16.83 -3.40 18.73
CA PHE D 142 -16.39 -2.15 18.09
C PHE D 142 -16.40 -1.03 19.09
N GLY D 143 -15.29 -0.32 19.18
CA GLY D 143 -15.14 0.81 20.09
C GLY D 143 -13.88 1.62 19.82
N SER D 144 -13.74 2.72 20.58
CA SER D 144 -12.55 3.54 20.49
C SER D 144 -11.35 2.76 21.04
N TRP D 145 -10.19 2.88 20.40
CA TRP D 145 -8.99 2.18 20.83
C TRP D 145 -8.32 2.88 22.00
N VAL D 146 -8.27 4.25 22.02
CA VAL D 146 -7.54 5.03 23.05
C VAL D 146 -8.43 5.84 23.99
N TYR D 147 -9.70 6.13 23.63
CA TYR D 147 -10.58 6.95 24.47
C TYR D 147 -11.53 6.09 25.35
N SER D 148 -11.50 6.33 26.67
CA SER D 148 -12.36 5.65 27.64
C SER D 148 -13.80 6.26 27.62
N GLY D 149 -14.70 5.74 28.46
CA GLY D 149 -16.08 6.20 28.58
C GLY D 149 -16.24 7.65 28.99
N PHE D 150 -15.21 8.19 29.73
CA PHE D 150 -15.16 9.59 30.16
C PHE D 150 -14.89 10.54 28.97
N GLU D 151 -14.31 10.03 27.86
CA GLU D 151 -13.97 10.83 26.70
C GLU D 151 -14.91 10.50 25.50
N ILE D 152 -15.08 9.20 25.17
CA ILE D 152 -16.01 8.77 24.10
C ILE D 152 -17.02 7.80 24.66
N ASP D 153 -18.30 8.17 24.57
CA ASP D 153 -19.43 7.30 24.89
C ASP D 153 -20.01 6.80 23.58
N LEU D 154 -20.62 5.60 23.58
CA LEU D 154 -21.27 5.07 22.37
C LEU D 154 -22.74 4.84 22.63
N LYS D 155 -23.53 4.97 21.59
CA LYS D 155 -24.99 4.85 21.63
C LYS D 155 -25.47 4.19 20.31
N THR D 156 -26.58 3.45 20.39
CA THR D 156 -27.24 2.84 19.23
C THR D 156 -28.67 3.32 19.20
N ASP D 157 -29.27 3.45 17.99
CA ASP D 157 -30.67 3.86 17.83
C ASP D 157 -31.60 2.65 17.97
N THR D 158 -31.07 1.45 17.68
CA THR D 158 -31.74 0.16 17.76
C THR D 158 -30.69 -0.88 18.04
N ASP D 159 -31.07 -1.98 18.72
CA ASP D 159 -30.21 -3.15 18.97
C ASP D 159 -30.15 -4.01 17.75
N GLN D 160 -31.11 -3.83 16.84
CA GLN D 160 -31.22 -4.60 15.61
C GLN D 160 -30.32 -4.04 14.48
N VAL D 161 -29.43 -4.92 13.95
CA VAL D 161 -28.52 -4.63 12.84
C VAL D 161 -29.38 -4.53 11.58
N ASP D 162 -29.11 -3.56 10.69
CA ASP D 162 -29.88 -3.38 9.46
C ASP D 162 -29.53 -4.51 8.47
N LEU D 163 -30.55 -5.30 8.12
CA LEU D 163 -30.40 -6.44 7.23
C LEU D 163 -31.15 -6.23 5.90
N SER D 164 -31.71 -5.01 5.69
CA SER D 164 -32.50 -4.69 4.50
C SER D 164 -31.63 -4.63 3.22
N SER D 165 -30.29 -4.60 3.36
CA SER D 165 -29.34 -4.57 2.23
C SER D 165 -28.47 -5.83 2.17
N TYR D 166 -28.78 -6.83 3.03
CA TYR D 166 -28.04 -8.07 3.05
C TYR D 166 -28.25 -8.81 1.71
N TYR D 167 -27.13 -9.20 1.06
CA TYR D 167 -27.13 -9.91 -0.21
C TYR D 167 -27.89 -11.23 -0.08
N ALA D 168 -29.04 -11.33 -0.76
CA ALA D 168 -29.92 -12.50 -0.71
C ALA D 168 -29.22 -13.74 -1.16
N SER D 169 -28.45 -13.68 -2.27
CA SER D 169 -27.80 -14.86 -2.80
C SER D 169 -26.39 -15.13 -2.16
N SER D 170 -26.11 -14.59 -0.97
CA SER D 170 -24.87 -14.86 -0.23
C SER D 170 -24.77 -16.35 0.09
N LYS D 171 -23.54 -16.86 0.33
CA LYS D 171 -23.37 -18.28 0.70
C LYS D 171 -23.98 -18.53 2.09
N TYR D 172 -24.09 -17.46 2.91
CA TYR D 172 -24.64 -17.60 4.27
C TYR D 172 -25.88 -16.75 4.47
N GLU D 173 -26.89 -17.35 5.14
CA GLU D 173 -28.13 -16.67 5.48
C GLU D 173 -28.07 -16.22 6.94
N ILE D 174 -28.68 -15.05 7.27
CA ILE D 174 -28.63 -14.52 8.64
C ILE D 174 -29.82 -15.00 9.45
N LEU D 175 -29.54 -15.59 10.62
CA LEU D 175 -30.62 -16.06 11.49
C LEU D 175 -30.96 -14.97 12.50
N SER D 176 -29.95 -14.20 12.92
CA SER D 176 -30.10 -13.07 13.83
C SER D 176 -28.85 -12.18 13.75
N ALA D 177 -29.02 -10.87 13.98
CA ALA D 177 -27.93 -9.92 13.98
C ALA D 177 -28.25 -8.78 14.97
N THR D 178 -27.41 -8.64 16.01
CA THR D 178 -27.61 -7.71 17.11
C THR D 178 -26.41 -6.76 17.30
N GLN D 179 -26.69 -5.52 17.72
CA GLN D 179 -25.71 -4.48 18.05
C GLN D 179 -26.04 -3.89 19.44
N THR D 180 -25.31 -4.33 20.49
CA THR D 180 -25.61 -3.85 21.85
C THR D 180 -24.43 -3.23 22.53
N ARG D 181 -24.68 -2.05 23.16
CA ARG D 181 -23.76 -1.22 23.93
C ARG D 181 -23.34 -1.96 25.18
N GLN D 182 -22.03 -1.96 25.48
CA GLN D 182 -21.52 -2.60 26.71
C GLN D 182 -20.33 -1.84 27.24
N VAL D 183 -20.10 -1.93 28.57
CA VAL D 183 -18.99 -1.24 29.24
C VAL D 183 -18.08 -2.28 29.88
N GLN D 184 -16.78 -2.28 29.50
CA GLN D 184 -15.75 -3.21 29.96
C GLN D 184 -14.54 -2.51 30.57
N HIS D 185 -13.74 -3.28 31.34
CA HIS D 185 -12.45 -2.87 31.89
C HIS D 185 -11.36 -3.72 31.23
N TYR D 186 -10.15 -3.17 31.10
CA TYR D 186 -9.03 -3.89 30.46
C TYR D 186 -7.78 -3.83 31.35
N SER D 187 -6.85 -4.80 31.15
CA SER D 187 -5.60 -4.99 31.93
C SER D 187 -4.67 -3.75 31.92
N CYS D 188 -4.58 -3.08 30.77
CA CYS D 188 -3.76 -1.90 30.47
C CYS D 188 -4.11 -0.68 31.31
N CYS D 189 -5.42 -0.42 31.41
CA CYS D 189 -6.05 0.82 31.74
C CYS D 189 -7.04 0.77 32.93
N PRO D 190 -7.12 1.87 33.73
CA PRO D 190 -8.03 1.86 34.90
C PRO D 190 -9.48 2.29 34.59
N GLU D 191 -9.66 3.21 33.61
CA GLU D 191 -10.96 3.75 33.20
C GLU D 191 -11.79 2.69 32.41
N PRO D 192 -13.15 2.72 32.51
CA PRO D 192 -13.95 1.77 31.74
C PRO D 192 -14.12 2.17 30.27
N TYR D 193 -13.83 1.25 29.36
CA TYR D 193 -13.97 1.53 27.94
C TYR D 193 -15.34 1.05 27.49
N ILE D 194 -15.97 1.75 26.55
CA ILE D 194 -17.29 1.30 26.13
C ILE D 194 -17.22 0.85 24.64
N ASP D 195 -18.05 -0.17 24.27
CA ASP D 195 -18.09 -0.77 22.92
C ASP D 195 -19.51 -1.18 22.50
N VAL D 196 -19.68 -1.41 21.18
CA VAL D 196 -20.91 -1.91 20.59
C VAL D 196 -20.58 -3.33 20.12
N ASN D 197 -21.27 -4.31 20.69
CA ASN D 197 -21.02 -5.71 20.39
C ASN D 197 -21.93 -6.18 19.26
N LEU D 198 -21.29 -6.55 18.14
CA LEU D 198 -21.96 -7.06 16.95
C LEU D 198 -22.03 -8.58 17.07
N VAL D 199 -23.22 -9.12 17.29
CA VAL D 199 -23.44 -10.55 17.41
C VAL D 199 -24.30 -11.00 16.24
N VAL D 200 -23.81 -11.95 15.44
CA VAL D 200 -24.55 -12.43 14.30
C VAL D 200 -24.54 -13.96 14.28
N LYS D 201 -25.76 -14.52 14.17
CA LYS D 201 -26.05 -15.95 14.04
C LYS D 201 -26.35 -16.21 12.58
N PHE D 202 -25.60 -17.12 11.96
CA PHE D 202 -25.75 -17.44 10.56
C PHE D 202 -25.54 -18.93 10.25
N ARG D 203 -25.97 -19.36 9.06
CA ARG D 203 -25.76 -20.72 8.57
C ARG D 203 -25.61 -20.74 7.05
N GLU D 204 -25.10 -21.86 6.50
CA GLU D 204 -24.96 -22.05 5.05
C GLU D 204 -26.33 -22.04 4.36
N ARG D 205 -26.46 -21.25 3.31
CA ARG D 205 -27.72 -21.18 2.58
C ARG D 205 -27.85 -22.36 1.62
N ARG D 206 -29.00 -23.04 1.63
CA ARG D 206 -29.29 -24.10 0.66
C ARG D 206 -29.63 -23.49 -0.71
N ALA D 207 -29.01 -23.98 -1.79
CA ALA D 207 -29.24 -23.54 -3.17
C ALA D 207 -30.77 -23.51 -3.58
N GLY D 208 -31.11 -22.70 -4.48
N GLN E 1 4.54 25.11 -24.55
CA GLN E 1 4.64 24.65 -23.17
C GLN E 1 4.29 25.81 -22.24
N ALA E 2 4.83 27.01 -22.54
CA ALA E 2 4.64 28.26 -21.80
C ALA E 2 3.16 28.60 -21.62
N ASN E 3 2.38 28.60 -22.71
CA ASN E 3 0.92 28.86 -22.70
C ASN E 3 0.15 27.88 -21.82
N LEU E 4 0.39 26.57 -21.96
CA LEU E 4 -0.27 25.54 -21.16
C LEU E 4 0.09 25.70 -19.68
N MET E 5 1.40 25.91 -19.38
CA MET E 5 1.91 26.15 -18.04
C MET E 5 1.15 27.31 -17.41
N ARG E 6 0.97 28.42 -18.17
CA ARG E 6 0.24 29.62 -17.77
C ARG E 6 -1.24 29.30 -17.50
N LEU E 7 -1.91 28.60 -18.44
CA LEU E 7 -3.33 28.24 -18.33
C LEU E 7 -3.58 27.45 -17.06
N LYS E 8 -2.78 26.41 -16.85
CA LYS E 8 -2.89 25.54 -15.68
C LYS E 8 -2.66 26.32 -14.39
N SER E 9 -1.70 27.27 -14.41
CA SER E 9 -1.40 28.13 -13.28
C SER E 9 -2.60 29.01 -12.98
N ASP E 10 -3.16 29.65 -14.02
CA ASP E 10 -4.31 30.56 -13.88
C ASP E 10 -5.57 29.80 -13.46
N LEU E 11 -5.77 28.53 -13.91
CA LEU E 11 -6.97 27.75 -13.55
C LEU E 11 -6.96 27.35 -12.09
N PHE E 12 -5.77 27.15 -11.54
CA PHE E 12 -5.55 26.79 -10.15
C PHE E 12 -5.66 28.01 -9.20
N ASN E 13 -5.08 29.17 -9.60
CA ASN E 13 -5.04 30.42 -8.82
C ASN E 13 -6.32 31.24 -8.85
N ARG E 14 -7.10 31.21 -9.97
CA ARG E 14 -8.34 32.02 -10.12
C ARG E 14 -9.33 31.81 -8.97
N SER E 15 -9.37 30.59 -8.43
CA SER E 15 -10.27 30.24 -7.34
C SER E 15 -9.71 29.04 -6.55
N PRO E 16 -10.00 28.95 -5.21
CA PRO E 16 -9.55 27.76 -4.45
C PRO E 16 -10.24 26.49 -4.95
N MET E 17 -9.76 25.31 -4.50
CA MET E 17 -10.30 24.01 -4.93
C MET E 17 -11.84 24.02 -4.87
N TYR E 18 -12.48 23.55 -5.97
CA TYR E 18 -13.92 23.42 -6.15
C TYR E 18 -14.47 22.55 -5.02
N PRO E 19 -15.49 23.02 -4.25
CA PRO E 19 -15.95 22.25 -3.08
C PRO E 19 -16.94 21.12 -3.38
N GLY E 20 -17.13 20.81 -4.65
CA GLY E 20 -18.07 19.79 -5.07
C GLY E 20 -19.43 20.41 -5.35
N PRO E 21 -20.39 19.66 -5.93
CA PRO E 21 -21.70 20.24 -6.22
C PRO E 21 -22.55 20.48 -4.96
N THR E 22 -23.61 21.29 -5.12
CA THR E 22 -24.57 21.62 -4.07
C THR E 22 -25.97 21.59 -4.65
N LYS E 23 -27.02 21.67 -3.80
CA LYS E 23 -28.43 21.71 -4.23
C LYS E 23 -28.63 22.88 -5.20
N ASP E 24 -27.95 24.00 -4.91
CA ASP E 24 -27.94 25.26 -5.67
C ASP E 24 -27.05 25.20 -6.91
N ASP E 25 -26.00 24.37 -6.89
CA ASP E 25 -25.08 24.22 -8.03
C ASP E 25 -24.95 22.72 -8.34
N PRO E 26 -26.01 22.07 -8.90
CA PRO E 26 -25.93 20.62 -9.13
C PRO E 26 -25.09 20.27 -10.36
N LEU E 27 -24.75 18.99 -10.47
CA LEU E 27 -23.92 18.43 -11.52
C LEU E 27 -24.51 17.14 -12.10
N THR E 28 -24.36 16.93 -13.42
CA THR E 28 -24.79 15.68 -14.08
C THR E 28 -23.55 14.97 -14.64
N VAL E 29 -23.31 13.75 -14.14
CA VAL E 29 -22.20 12.91 -14.56
C VAL E 29 -22.74 11.86 -15.55
N THR E 30 -22.09 11.73 -16.71
CA THR E 30 -22.44 10.73 -17.69
C THR E 30 -21.52 9.55 -17.47
N LEU E 31 -22.10 8.37 -17.17
CA LEU E 31 -21.35 7.12 -17.02
C LEU E 31 -21.55 6.20 -18.21
N GLY E 32 -20.52 5.42 -18.52
CA GLY E 32 -20.51 4.44 -19.58
C GLY E 32 -19.53 3.33 -19.21
N PHE E 33 -19.82 2.09 -19.62
CA PHE E 33 -18.94 0.96 -19.29
C PHE E 33 -18.46 0.23 -20.48
N THR E 34 -17.18 -0.14 -20.44
CA THR E 34 -16.56 -0.95 -21.47
C THR E 34 -16.08 -2.17 -20.72
N LEU E 35 -16.84 -3.30 -20.80
CA LEU E 35 -16.47 -4.53 -20.10
C LEU E 35 -15.44 -5.28 -20.91
N GLN E 36 -14.24 -5.41 -20.35
CA GLN E 36 -13.12 -6.04 -21.03
C GLN E 36 -13.03 -7.55 -20.71
N ASP E 37 -13.30 -7.95 -19.45
CA ASP E 37 -13.15 -9.35 -19.06
C ASP E 37 -13.89 -9.71 -17.76
N ILE E 38 -14.44 -10.95 -17.71
CA ILE E 38 -14.93 -11.58 -16.47
C ILE E 38 -13.78 -12.53 -16.13
N VAL E 39 -12.90 -12.11 -15.20
CA VAL E 39 -11.67 -12.82 -14.89
C VAL E 39 -11.91 -14.10 -14.09
N LYS E 40 -12.55 -13.97 -12.94
CA LYS E 40 -12.74 -15.06 -11.99
C LYS E 40 -14.17 -15.07 -11.46
N VAL E 41 -14.61 -16.27 -11.16
CA VAL E 41 -15.87 -16.62 -10.55
C VAL E 41 -15.52 -17.49 -9.35
N ASP E 42 -16.01 -17.15 -8.14
CA ASP E 42 -15.70 -17.94 -6.95
C ASP E 42 -16.99 -18.41 -6.30
N SER E 43 -17.28 -19.70 -6.42
CA SER E 43 -18.50 -20.33 -5.91
C SER E 43 -18.43 -20.68 -4.41
N SER E 44 -17.23 -20.62 -3.80
CA SER E 44 -17.07 -20.91 -2.38
C SER E 44 -17.37 -19.67 -1.50
N THR E 45 -17.32 -18.45 -2.11
CA THR E 45 -17.57 -17.19 -1.41
C THR E 45 -18.64 -16.32 -2.10
N ASN E 46 -19.02 -16.66 -3.33
CA ASN E 46 -19.98 -15.92 -4.17
C ASN E 46 -19.48 -14.49 -4.46
N GLU E 47 -18.31 -14.44 -5.11
CA GLU E 47 -17.61 -13.24 -5.60
C GLU E 47 -17.29 -13.45 -7.07
N VAL E 48 -17.40 -12.40 -7.87
CA VAL E 48 -17.08 -12.40 -9.30
C VAL E 48 -16.21 -11.17 -9.55
N ASP E 49 -15.12 -11.35 -10.35
CA ASP E 49 -14.16 -10.30 -10.67
C ASP E 49 -14.30 -9.83 -12.09
N LEU E 50 -14.47 -8.52 -12.28
CA LEU E 50 -14.56 -7.90 -13.61
C LEU E 50 -13.40 -6.94 -13.86
N VAL E 51 -12.99 -6.82 -15.13
CA VAL E 51 -12.02 -5.85 -15.60
C VAL E 51 -12.77 -5.02 -16.64
N TYR E 52 -13.00 -3.72 -16.35
CA TYR E 52 -13.75 -2.78 -17.19
C TYR E 52 -13.17 -1.36 -17.14
N SCH E 53 -13.65 -0.49 -18.02
CA SCH E 53 -13.32 0.93 -18.05
CB SCH E 53 -13.04 1.41 -19.47
SG SCH E 53 -11.30 1.24 -19.80
SD SCH E 53 -11.28 -0.71 -20.50
CE SCH E 53 -10.13 -1.61 -19.33
C SCH E 53 -14.59 1.71 -17.82
O SCH E 53 -15.61 1.47 -18.47
N GLU E 54 -14.52 2.69 -16.94
CA GLU E 54 -15.65 3.54 -16.64
C GLU E 54 -15.45 4.93 -17.29
N GLN E 55 -16.16 5.21 -18.37
CA GLN E 55 -16.04 6.55 -18.92
C GLN E 55 -16.96 7.47 -18.10
N GLN E 56 -16.35 8.53 -17.49
CA GLN E 56 -17.03 9.53 -16.69
C GLN E 56 -16.90 10.91 -17.33
N ARG E 57 -18.02 11.66 -17.49
CA ARG E 57 -18.03 13.03 -18.09
C ARG E 57 -18.89 14.01 -17.25
N TRP E 58 -18.39 15.22 -17.00
CA TRP E 58 -19.07 16.31 -16.28
C TRP E 58 -18.49 17.63 -16.72
N LYS E 59 -19.26 18.74 -16.58
CA LYS E 59 -18.85 20.09 -16.99
C LYS E 59 -18.84 21.03 -15.77
N LEU E 60 -17.80 21.90 -15.68
CA LEU E 60 -17.63 22.86 -14.58
C LEU E 60 -17.32 24.23 -15.11
N ASN E 61 -18.10 25.24 -14.73
CA ASN E 61 -17.83 26.62 -15.19
C ASN E 61 -16.44 27.09 -14.76
N SER E 62 -15.99 26.63 -13.58
CA SER E 62 -14.69 26.97 -12.99
C SER E 62 -13.51 26.48 -13.85
N LEU E 63 -13.71 25.49 -14.75
CA LEU E 63 -12.65 24.98 -15.61
C LEU E 63 -12.72 25.55 -17.05
N MET E 64 -13.48 26.62 -17.24
CA MET E 64 -13.62 27.28 -18.53
C MET E 64 -12.49 28.26 -18.82
N TRP E 65 -12.15 28.41 -20.12
CA TRP E 65 -11.17 29.38 -20.58
C TRP E 65 -11.42 29.73 -22.07
N ASP E 66 -10.84 30.86 -22.53
CA ASP E 66 -10.91 31.31 -23.91
C ASP E 66 -9.61 30.90 -24.61
N PRO E 67 -9.68 29.97 -25.61
CA PRO E 67 -8.46 29.53 -26.30
C PRO E 67 -7.63 30.67 -26.87
N ASN E 68 -8.28 31.77 -27.32
CA ASN E 68 -7.63 32.96 -27.87
C ASN E 68 -6.76 33.67 -26.81
N GLU E 69 -7.04 33.42 -25.53
CA GLU E 69 -6.27 34.02 -24.45
C GLU E 69 -5.08 33.14 -24.07
N TYR E 70 -5.07 31.88 -24.49
CA TYR E 70 -4.03 30.92 -24.13
C TYR E 70 -3.51 30.11 -25.33
N GLY E 71 -2.97 30.82 -26.31
CA GLY E 71 -2.37 30.28 -27.52
C GLY E 71 -3.16 29.23 -28.28
N ASN E 72 -4.48 29.45 -28.43
CA ASN E 72 -5.45 28.59 -29.13
C ASN E 72 -5.50 27.17 -28.54
N ILE E 73 -5.21 27.02 -27.22
CA ILE E 73 -5.30 25.73 -26.51
C ILE E 73 -6.79 25.47 -26.29
N THR E 74 -7.26 24.33 -26.81
CA THR E 74 -8.69 23.96 -26.76
C THR E 74 -8.98 22.97 -25.65
N ASP E 75 -7.95 22.23 -25.20
CA ASP E 75 -8.03 21.19 -24.16
C ASP E 75 -6.64 20.85 -23.62
N PHE E 76 -6.57 20.09 -22.53
CA PHE E 76 -5.29 19.63 -21.96
C PHE E 76 -5.52 18.42 -21.07
N ARG E 77 -4.44 17.68 -20.83
CA ARG E 77 -4.42 16.51 -19.98
C ARG E 77 -3.83 16.89 -18.65
N THR E 78 -4.48 16.45 -17.55
CA THR E 78 -4.02 16.77 -16.21
C THR E 78 -4.24 15.59 -15.27
N SER E 79 -3.44 15.53 -14.19
CA SER E 79 -3.59 14.53 -13.15
C SER E 79 -5.01 14.66 -12.55
N ALA E 80 -5.68 13.55 -12.28
CA ALA E 80 -7.02 13.58 -11.70
C ALA E 80 -7.00 14.05 -10.22
N ALA E 81 -5.81 14.13 -9.62
CA ALA E 81 -5.65 14.61 -8.25
C ALA E 81 -5.66 16.14 -8.22
N ASP E 82 -5.41 16.77 -9.39
CA ASP E 82 -5.37 18.22 -9.57
C ASP E 82 -6.76 18.83 -9.79
N ILE E 83 -7.76 17.99 -10.05
CA ILE E 83 -9.14 18.46 -10.26
C ILE E 83 -10.09 17.68 -9.37
N TRP E 84 -11.32 18.20 -9.18
CA TRP E 84 -12.41 17.54 -8.48
C TRP E 84 -12.88 16.41 -9.39
N THR E 85 -13.18 15.23 -8.81
CA THR E 85 -13.71 14.06 -9.55
C THR E 85 -14.89 13.50 -8.74
N PRO E 86 -15.92 12.88 -9.40
CA PRO E 86 -17.04 12.33 -8.63
C PRO E 86 -16.61 11.09 -7.81
N ASP E 87 -17.40 10.76 -6.72
CA ASP E 87 -17.21 9.61 -5.81
C ASP E 87 -18.08 8.43 -6.27
N ILE E 88 -18.04 8.15 -7.61
CA ILE E 88 -18.75 7.03 -8.21
C ILE E 88 -18.14 5.77 -7.63
N THR E 89 -18.97 5.04 -6.88
CA THR E 89 -18.64 3.83 -6.15
C THR E 89 -19.57 2.68 -6.51
N ALA E 90 -19.03 1.45 -6.47
CA ALA E 90 -19.79 0.22 -6.61
C ALA E 90 -20.44 -0.01 -5.26
N TYR E 91 -21.76 -0.14 -5.24
CA TYR E 91 -22.47 -0.26 -3.96
C TYR E 91 -22.32 -1.65 -3.31
N SER E 92 -21.86 -2.67 -4.06
CA SER E 92 -21.76 -4.04 -3.56
C SER E 92 -20.40 -4.72 -3.85
N SER E 93 -19.29 -3.96 -3.70
CA SER E 93 -17.93 -4.54 -3.84
C SER E 93 -17.59 -5.36 -2.57
N THR E 94 -16.65 -6.30 -2.69
CA THR E 94 -16.23 -7.14 -1.54
C THR E 94 -14.74 -6.90 -1.23
N ARG E 95 -14.09 -6.13 -2.11
CA ARG E 95 -12.68 -5.74 -2.01
C ARG E 95 -12.49 -4.29 -2.47
N PRO E 96 -11.49 -3.54 -1.94
CA PRO E 96 -11.21 -2.19 -2.50
C PRO E 96 -10.83 -2.32 -3.98
N VAL E 97 -11.48 -1.54 -4.86
CA VAL E 97 -11.26 -1.56 -6.32
C VAL E 97 -9.79 -1.32 -6.66
N GLN E 98 -9.24 -2.10 -7.58
CA GLN E 98 -7.85 -1.92 -8.06
C GLN E 98 -7.86 -1.07 -9.34
N VAL E 99 -7.08 0.01 -9.37
CA VAL E 99 -6.99 0.90 -10.54
C VAL E 99 -5.84 0.41 -11.42
N LEU E 100 -6.16 0.13 -12.71
CA LEU E 100 -5.24 -0.45 -13.71
C LEU E 100 -4.65 0.56 -14.70
N SER E 101 -5.17 1.78 -14.74
CA SER E 101 -4.72 2.80 -15.68
C SER E 101 -4.26 4.06 -14.95
N PRO E 102 -3.45 4.96 -15.61
CA PRO E 102 -3.03 6.18 -14.93
C PRO E 102 -4.23 7.07 -14.61
N GLN E 103 -4.11 7.86 -13.53
CA GLN E 103 -5.15 8.76 -13.07
C GLN E 103 -4.97 10.09 -13.73
N ILE E 104 -5.30 10.18 -15.03
CA ILE E 104 -5.18 11.42 -15.82
C ILE E 104 -6.55 11.68 -16.51
N ALA E 105 -7.03 12.93 -16.44
CA ALA E 105 -8.28 13.35 -17.06
C ALA E 105 -8.02 14.32 -18.21
N VAL E 106 -9.02 14.53 -19.10
CA VAL E 106 -8.90 15.48 -20.21
C VAL E 106 -9.91 16.63 -19.94
N VAL E 107 -9.40 17.89 -19.91
CA VAL E 107 -10.25 19.05 -19.65
C VAL E 107 -10.34 19.88 -20.93
N THR E 108 -11.57 20.31 -21.32
CA THR E 108 -11.80 21.11 -22.54
C THR E 108 -12.18 22.55 -22.15
N HIS E 109 -11.91 23.53 -23.03
CA HIS E 109 -12.12 24.97 -22.80
C HIS E 109 -13.56 25.34 -22.38
N ASP E 110 -14.56 24.47 -22.70
CA ASP E 110 -15.97 24.69 -22.33
C ASP E 110 -16.24 24.25 -20.88
N GLY E 111 -15.20 23.76 -20.21
CA GLY E 111 -15.27 23.32 -18.82
C GLY E 111 -15.58 21.85 -18.63
N SER E 112 -15.76 21.12 -19.73
CA SER E 112 -16.08 19.70 -19.69
C SER E 112 -14.84 18.86 -19.41
N VAL E 113 -15.02 17.79 -18.62
CA VAL E 113 -13.98 16.84 -18.21
C VAL E 113 -14.39 15.45 -18.65
N MET E 114 -13.39 14.65 -19.03
CA MET E 114 -13.53 13.24 -19.38
C MET E 114 -12.43 12.50 -18.68
N PHE E 115 -12.79 11.42 -17.98
CA PHE E 115 -11.91 10.57 -17.19
C PHE E 115 -12.34 9.14 -17.34
N ILE E 116 -11.46 8.29 -17.88
CA ILE E 116 -11.74 6.87 -18.11
C ILE E 116 -10.80 5.95 -17.28
N PRO E 117 -11.09 5.72 -15.98
CA PRO E 117 -10.25 4.79 -15.23
C PRO E 117 -10.56 3.32 -15.60
N ALA E 118 -9.50 2.50 -15.80
CA ALA E 118 -9.64 1.05 -16.01
C ALA E 118 -9.51 0.40 -14.64
N GLN E 119 -10.49 -0.43 -14.23
CA GLN E 119 -10.49 -1.02 -12.88
C GLN E 119 -10.81 -2.50 -12.84
N ARG E 120 -10.34 -3.17 -11.75
CA ARG E 120 -10.69 -4.55 -11.43
C ARG E 120 -11.59 -4.55 -10.19
N LEU E 121 -12.82 -5.06 -10.34
CA LEU E 121 -13.81 -5.11 -9.29
C LEU E 121 -14.14 -6.54 -8.90
N SER E 122 -14.19 -6.77 -7.59
CA SER E 122 -14.58 -8.02 -6.93
C SER E 122 -15.93 -7.72 -6.26
N PHE E 123 -17.04 -8.25 -6.76
CA PHE E 123 -18.33 -7.89 -6.20
C PHE E 123 -19.21 -9.14 -5.85
N MET E 124 -20.31 -8.92 -5.10
CA MET E 124 -21.24 -9.95 -4.65
C MET E 124 -22.02 -10.51 -5.81
N CYS E 125 -21.87 -11.84 -6.04
CA CYS E 125 -22.50 -12.51 -7.15
C CYS E 125 -22.49 -14.02 -6.95
N ASP E 126 -23.66 -14.67 -6.90
CA ASP E 126 -23.79 -16.14 -6.79
C ASP E 126 -23.67 -16.72 -8.22
N PRO E 127 -22.57 -17.44 -8.55
CA PRO E 127 -22.41 -17.88 -9.94
C PRO E 127 -23.16 -19.17 -10.33
N THR E 128 -23.96 -19.74 -9.41
CA THR E 128 -24.75 -20.95 -9.63
C THR E 128 -25.49 -20.83 -10.97
N GLY E 129 -25.18 -21.76 -11.87
CA GLY E 129 -25.77 -21.79 -13.21
C GLY E 129 -24.91 -21.22 -14.32
N VAL E 130 -23.67 -20.79 -13.99
CA VAL E 130 -22.71 -20.25 -14.95
C VAL E 130 -22.37 -21.32 -16.02
N ASP E 131 -22.32 -22.59 -15.63
CA ASP E 131 -22.00 -23.70 -16.49
C ASP E 131 -23.21 -24.18 -17.32
N SER E 132 -24.41 -23.64 -17.07
CA SER E 132 -25.63 -24.02 -17.80
C SER E 132 -25.75 -23.25 -19.10
N GLU E 133 -26.69 -23.68 -19.97
CA GLU E 133 -26.95 -23.05 -21.27
C GLU E 133 -27.45 -21.58 -21.09
N GLU E 134 -28.33 -21.37 -20.09
CA GLU E 134 -28.96 -20.09 -19.73
C GLU E 134 -27.97 -19.12 -19.10
N GLY E 135 -26.95 -19.68 -18.47
CA GLY E 135 -25.93 -18.90 -17.77
C GLY E 135 -26.45 -18.29 -16.48
N VAL E 136 -25.65 -17.37 -15.90
CA VAL E 136 -25.98 -16.65 -14.67
C VAL E 136 -26.08 -15.11 -14.94
N THR E 137 -26.95 -14.43 -14.17
CA THR E 137 -27.13 -12.99 -14.24
C THR E 137 -26.65 -12.41 -12.94
N CYS E 138 -25.82 -11.37 -13.01
CA CYS E 138 -25.36 -10.69 -11.81
C CYS E 138 -25.39 -9.19 -12.02
N ALA E 139 -25.67 -8.44 -10.95
CA ALA E 139 -25.78 -7.00 -11.05
C ALA E 139 -24.99 -6.28 -9.95
N VAL E 140 -24.52 -5.07 -10.28
CA VAL E 140 -23.78 -4.18 -9.39
C VAL E 140 -24.18 -2.74 -9.74
N LYS E 141 -24.58 -1.97 -8.71
CA LYS E 141 -24.98 -0.58 -8.80
C LYS E 141 -23.75 0.35 -8.64
N PHE E 142 -23.66 1.40 -9.48
CA PHE E 142 -22.62 2.41 -9.40
C PHE E 142 -23.27 3.76 -9.20
N GLY E 143 -22.83 4.47 -8.17
CA GLY E 143 -23.33 5.80 -7.90
C GLY E 143 -22.43 6.59 -6.96
N SER E 144 -22.83 7.81 -6.65
CA SER E 144 -22.13 8.62 -5.65
C SER E 144 -22.45 8.07 -4.28
N TRP E 145 -21.42 8.00 -3.44
CA TRP E 145 -21.55 7.50 -2.10
C TRP E 145 -22.22 8.52 -1.16
N VAL E 146 -21.90 9.83 -1.30
CA VAL E 146 -22.40 10.88 -0.41
C VAL E 146 -23.36 11.90 -1.08
N TYR E 147 -23.39 12.02 -2.43
CA TYR E 147 -24.26 13.03 -3.06
C TYR E 147 -25.58 12.44 -3.58
N SER E 148 -26.70 13.05 -3.17
CA SER E 148 -28.03 12.65 -3.60
C SER E 148 -28.32 13.18 -5.00
N GLY E 149 -29.50 12.86 -5.52
CA GLY E 149 -29.98 13.30 -6.83
C GLY E 149 -29.92 14.80 -7.06
N PHE E 150 -30.20 15.58 -5.98
CA PHE E 150 -30.22 17.06 -5.98
C PHE E 150 -28.83 17.67 -6.15
N GLU E 151 -27.78 16.88 -5.89
CA GLU E 151 -26.39 17.33 -6.00
C GLU E 151 -25.72 16.66 -7.21
N ILE E 152 -25.78 15.33 -7.32
CA ILE E 152 -25.24 14.65 -8.49
C ILE E 152 -26.36 13.84 -9.11
N ASP E 153 -26.57 14.06 -10.41
CA ASP E 153 -27.47 13.29 -11.23
C ASP E 153 -26.62 12.44 -12.13
N LEU E 154 -27.13 11.29 -12.57
CA LEU E 154 -26.38 10.43 -13.48
C LEU E 154 -27.15 10.23 -14.77
N LYS E 155 -26.41 10.00 -15.84
CA LYS E 155 -26.94 9.83 -17.18
C LYS E 155 -26.06 8.83 -17.95
N THR E 156 -26.66 8.10 -18.89
CA THR E 156 -25.98 7.19 -19.80
C THR E 156 -26.35 7.62 -21.21
N ASP E 157 -25.45 7.40 -22.18
CA ASP E 157 -25.68 7.72 -23.60
C ASP E 157 -26.40 6.56 -24.26
N THR E 158 -26.11 5.36 -23.77
CA THR E 158 -26.73 4.15 -24.22
C THR E 158 -26.94 3.27 -23.00
N ASP E 159 -27.91 2.37 -23.10
CA ASP E 159 -28.31 1.37 -22.11
C ASP E 159 -27.52 0.07 -22.31
N GLN E 160 -26.75 0.00 -23.39
CA GLN E 160 -25.95 -1.16 -23.75
C GLN E 160 -24.50 -0.96 -23.30
N VAL E 161 -23.91 -1.97 -22.62
CA VAL E 161 -22.50 -1.89 -22.20
C VAL E 161 -21.66 -2.07 -23.47
N ASP E 162 -20.49 -1.43 -23.53
CA ASP E 162 -19.60 -1.60 -24.67
C ASP E 162 -18.88 -2.95 -24.53
N LEU E 163 -19.12 -3.85 -25.48
CA LEU E 163 -18.55 -5.19 -25.50
C LEU E 163 -17.55 -5.39 -26.64
N SER E 164 -17.27 -4.31 -27.40
CA SER E 164 -16.37 -4.35 -28.56
C SER E 164 -14.91 -4.63 -28.18
N SER E 165 -14.56 -4.54 -26.88
CA SER E 165 -13.19 -4.77 -26.37
C SER E 165 -13.15 -5.97 -25.42
N TYR E 166 -14.27 -6.71 -25.31
CA TYR E 166 -14.35 -7.88 -24.44
C TYR E 166 -13.40 -8.94 -24.96
N TYR E 167 -12.55 -9.47 -24.07
CA TYR E 167 -11.54 -10.49 -24.36
C TYR E 167 -12.22 -11.72 -24.90
N ALA E 168 -11.95 -12.02 -26.17
CA ALA E 168 -12.54 -13.17 -26.87
C ALA E 168 -12.24 -14.50 -26.19
N SER E 169 -11.00 -14.71 -25.75
CA SER E 169 -10.61 -15.98 -25.15
C SER E 169 -10.81 -16.01 -23.63
N SER E 170 -11.67 -15.12 -23.07
CA SER E 170 -12.06 -15.12 -21.65
C SER E 170 -12.65 -16.47 -21.27
N LYS E 171 -12.62 -16.83 -20.00
CA LYS E 171 -13.24 -18.10 -19.56
C LYS E 171 -14.76 -17.99 -19.66
N TYR E 172 -15.28 -16.75 -19.60
CA TYR E 172 -16.72 -16.51 -19.66
C TYR E 172 -17.13 -15.66 -20.87
N GLU E 173 -18.23 -16.07 -21.52
CA GLU E 173 -18.80 -15.35 -22.65
C GLU E 173 -20.01 -14.53 -22.17
N ILE E 174 -20.21 -13.34 -22.76
CA ILE E 174 -21.31 -12.45 -22.35
C ILE E 174 -22.56 -12.74 -23.16
N LEU E 175 -23.67 -12.95 -22.48
CA LEU E 175 -24.94 -13.20 -23.13
C LEU E 175 -25.68 -11.87 -23.29
N SER E 176 -25.54 -11.00 -22.29
CA SER E 176 -26.12 -9.65 -22.29
C SER E 176 -25.41 -8.78 -21.25
N ALA E 177 -25.31 -7.47 -21.51
CA ALA E 177 -24.69 -6.52 -20.60
C ALA E 177 -25.38 -5.17 -20.71
N THR E 178 -26.02 -4.74 -19.63
CA THR E 178 -26.82 -3.52 -19.60
C THR E 178 -26.36 -2.52 -18.52
N GLN E 179 -26.48 -1.21 -18.82
CA GLN E 179 -26.21 -0.04 -17.95
C GLN E 179 -27.47 0.88 -17.92
N THR E 180 -28.28 0.81 -16.84
CA THR E 180 -29.52 1.59 -16.73
C THR E 180 -29.57 2.42 -15.47
N ARG E 181 -29.96 3.70 -15.65
CA ARG E 181 -30.15 4.72 -14.64
C ARG E 181 -31.34 4.37 -13.77
N GLN E 182 -31.18 4.49 -12.45
CA GLN E 182 -32.28 4.23 -11.52
C GLN E 182 -32.18 5.13 -10.31
N VAL E 183 -33.33 5.42 -9.69
CA VAL E 183 -33.38 6.30 -8.50
C VAL E 183 -33.94 5.49 -7.33
N GLN E 184 -33.16 5.45 -6.22
CA GLN E 184 -33.46 4.71 -4.99
C GLN E 184 -33.46 5.59 -3.74
N HIS E 185 -34.07 5.08 -2.65
CA HIS E 185 -34.06 5.66 -1.31
C HIS E 185 -33.31 4.72 -0.40
N TYR E 186 -32.64 5.25 0.64
CA TYR E 186 -31.88 4.42 1.58
C TYR E 186 -32.27 4.77 3.03
N SER E 187 -32.07 3.81 3.96
CA SER E 187 -32.44 3.88 5.38
C SER E 187 -31.82 5.09 6.12
N CYS E 188 -30.55 5.40 5.80
CA CYS E 188 -29.72 6.46 6.35
C CYS E 188 -30.26 7.87 6.14
N CYS E 189 -30.68 8.11 4.89
CA CYS E 189 -30.87 9.38 4.25
C CYS E 189 -32.30 9.63 3.67
N PRO E 190 -32.80 10.89 3.72
CA PRO E 190 -34.16 11.16 3.22
C PRO E 190 -34.25 11.45 1.71
N GLU E 191 -33.20 12.06 1.12
CA GLU E 191 -33.13 12.43 -0.30
C GLU E 191 -32.95 11.17 -1.20
N PRO E 192 -33.49 11.18 -2.45
CA PRO E 192 -33.29 10.03 -3.34
C PRO E 192 -31.90 10.02 -3.99
N TYR E 193 -31.19 8.90 -3.89
CA TYR E 193 -29.88 8.76 -4.50
C TYR E 193 -30.03 8.12 -5.86
N ILE E 194 -29.20 8.52 -6.82
CA ILE E 194 -29.37 7.94 -8.15
C ILE E 194 -28.10 7.07 -8.48
N ASP E 195 -28.31 5.97 -9.27
CA ASP E 195 -27.25 5.03 -9.65
C ASP E 195 -27.43 4.49 -11.09
N VAL E 196 -26.36 3.89 -11.61
CA VAL E 196 -26.33 3.20 -12.90
C VAL E 196 -26.15 1.73 -12.58
N ASN E 197 -27.13 0.92 -12.94
CA ASN E 197 -27.13 -0.50 -12.62
C ASN E 197 -26.51 -1.28 -13.77
N LEU E 198 -25.38 -1.93 -13.47
CA LEU E 198 -24.65 -2.77 -14.41
C LEU E 198 -25.16 -4.20 -14.24
N VAL E 199 -25.89 -4.71 -15.23
CA VAL E 199 -26.45 -6.06 -15.23
C VAL E 199 -25.81 -6.86 -16.34
N VAL E 200 -25.15 -7.95 -15.99
CA VAL E 200 -24.51 -8.76 -17.01
C VAL E 200 -24.88 -10.25 -16.83
N LYS E 201 -25.36 -10.84 -17.93
CA LYS E 201 -25.71 -12.26 -18.06
C LYS E 201 -24.55 -12.94 -18.78
N PHE E 202 -23.99 -13.97 -18.16
CA PHE E 202 -22.84 -14.65 -18.72
C PHE E 202 -22.84 -16.16 -18.43
N ARG E 203 -21.99 -16.91 -19.15
CA ARG E 203 -21.83 -18.34 -18.95
C ARG E 203 -20.40 -18.76 -19.29
N GLU E 204 -20.01 -19.99 -18.88
CA GLU E 204 -18.69 -20.57 -19.18
C GLU E 204 -18.54 -20.79 -20.68
N ARG E 205 -17.44 -20.33 -21.24
CA ARG E 205 -17.19 -20.48 -22.68
C ARG E 205 -16.67 -21.87 -22.97
N ARG E 206 -17.24 -22.52 -24.00
CA ARG E 206 -16.76 -23.82 -24.48
C ARG E 206 -15.53 -23.62 -25.36
N ALA E 207 -14.46 -24.43 -25.16
CA ALA E 207 -13.22 -24.39 -25.96
C ALA E 207 -13.45 -24.42 -27.50
N GLY E 208 -12.58 -23.88 -28.22
N1 ACH F . 20.91 -3.00 -15.26
C2 ACH F . 19.69 -3.13 -16.29
C3 ACH F . 19.05 -1.72 -16.52
O4 ACH F . 19.61 -0.28 -15.87
C5 ACH F . 19.37 1.10 -15.92
O7 ACH F . 18.15 1.30 -15.71
C6 ACH F . 20.50 2.15 -16.14
C8 ACH F . 22.09 -1.96 -15.40
C9 ACH F . 20.31 -2.97 -14.02
C10 ACH F . 21.90 -4.01 -15.01
N1 ACH G . 19.00 -7.47 -16.17
C2 ACH G . 19.67 -6.61 -17.31
C3 ACH G . 18.65 -5.85 -18.20
O4 ACH G . 19.18 -4.57 -18.99
C5 ACH G . 18.84 -3.91 -20.16
O7 ACH G . 17.75 -3.35 -20.09
C6 ACH G . 19.77 -3.99 -21.39
C8 ACH G . 19.69 -8.63 -15.40
C9 ACH G . 17.90 -8.34 -16.51
C10 ACH G . 18.36 -6.58 -15.30
CL CL H . 19.75 9.39 -6.38
P PO4 I . 4.90 -15.38 -2.63
O1 PO4 I . 3.36 -15.07 -2.96
O2 PO4 I . 4.92 -16.34 -1.40
O3 PO4 I . 5.59 -16.09 -3.87
O4 PO4 I . 5.62 -14.02 -2.23
P PO4 J . 1.45 -16.62 -5.50
O1 PO4 J . 0.16 -15.70 -5.61
O2 PO4 J . 1.45 -17.31 -4.05
O3 PO4 J . 1.45 -17.65 -6.73
O4 PO4 J . 2.77 -15.77 -5.70
C1 MPD K . 22.02 14.17 8.88
C2 MPD K . 20.78 14.60 8.11
O2 MPD K . 20.52 16.02 8.25
CM MPD K . 19.58 13.88 8.71
C3 MPD K . 20.91 14.23 6.63
C4 MPD K . 21.64 15.19 5.67
O4 MPD K . 22.99 15.32 6.05
C5 MPD K . 21.59 14.65 4.23
N1 ACH L . -7.33 4.32 -24.56
C2 ACH L . -8.43 4.36 -23.42
C3 ACH L . -9.08 5.75 -23.16
O4 ACH L . -8.37 7.01 -22.43
C5 ACH L . -8.58 8.38 -22.47
O7 ACH L . -8.95 8.76 -21.36
C6 ACH L . -8.39 9.20 -23.76
C8 ACH L . -7.47 3.48 -25.84
C9 ACH L . -5.99 3.87 -24.19
C10 ACH L . -6.98 5.53 -25.09
N1 ACH M . -9.20 -0.45 -24.24
C2 ACH M . -9.96 0.67 -23.45
C3 ACH M . -11.35 1.03 -24.08
O4 ACH M . -11.80 2.58 -24.19
C5 ACH M . -12.87 3.40 -24.64
O7 ACH M . -13.27 3.19 -25.81
C6 ACH M . -13.49 4.47 -23.68
C8 ACH M . -9.61 -0.91 -25.68
C9 ACH M . -9.16 -1.79 -23.77
C10 ACH M . -7.85 -0.17 -24.11
CL CL N . 0.74 14.85 -17.28
P PO4 O . -0.98 -13.31 -9.11
O1 PO4 O . -1.83 -13.54 -10.45
O2 PO4 O . -1.92 -13.62 -7.87
O3 PO4 O . 0.19 -14.34 -9.12
O4 PO4 O . -0.31 -11.87 -9.07
P PO4 P . -5.17 -14.98 -7.64
O1 PO4 P . -6.46 -15.70 -8.26
O2 PO4 P . -3.89 -15.92 -7.63
O3 PO4 P . -4.78 -13.74 -8.54
O4 PO4 P . -5.50 -14.54 -6.15
C1 MPD Q . 16.16 17.85 -13.49
C2 MPD Q . 15.16 17.97 -12.35
O2 MPD Q . 15.42 19.17 -11.57
CM MPD Q . 15.38 16.79 -11.44
C3 MPD Q . 13.76 17.93 -12.94
C4 MPD Q . 13.01 19.23 -13.23
O4 MPD Q . 12.12 18.99 -14.32
C5 MPD Q . 12.14 19.62 -12.03
C1 MPD R . -1.29 10.70 -37.84
C2 MPD R . -0.13 10.27 -36.95
O2 MPD R . -0.12 8.81 -36.95
CM MPD R . -0.43 10.72 -35.54
C3 MPD R . 1.17 10.87 -37.53
C4 MPD R . 2.55 10.40 -37.03
O4 MPD R . 2.75 10.61 -35.66
C5 MPD R . 3.01 9.01 -37.47
N1 ACH S . 20.04 -6.28 15.21
C2 ACH S . 19.60 -5.94 13.75
C3 ACH S . 20.75 -5.11 13.11
O4 ACH S . 20.63 -3.51 13.05
C5 ACH S . 21.39 -2.33 13.01
O7 ACH S . 20.98 -1.61 12.08
C6 ACH S . 22.55 -2.01 14.00
C8 ACH S . 21.49 -6.72 15.57
C9 ACH S . 19.49 -7.32 16.02
C10 ACH S . 19.56 -5.29 16.01
N1 ACH T . 18.96 -11.04 13.78
C2 ACH T . 19.15 -9.95 12.69
C3 ACH T . 20.59 -9.43 12.83
O4 ACH T . 21.74 -9.96 11.88
C5 ACH T . 22.98 -9.41 11.68
O7 ACH T . 23.87 -10.26 11.39
C6 ACH T . 23.09 -7.89 11.91
C8 ACH T . 20.00 -12.16 14.11
C9 ACH T . 17.86 -11.93 13.65
C10 ACH T . 18.52 -10.34 14.90
P PO4 U . 1.35 -17.60 2.06
O1 PO4 U . -0.04 -18.36 2.10
O2 PO4 U . 2.17 -17.69 3.42
O3 PO4 U . 2.15 -18.29 0.88
O4 PO4 U . 1.03 -16.09 1.78
P PO4 V . 0.00 -15.03 5.60
O1 PO4 V . -0.98 -15.32 4.36
O2 PO4 V . 0.04 -16.29 6.55
O3 PO4 V . 1.52 -14.86 5.06
O4 PO4 V . -0.49 -13.73 6.38
C1 MPD W . 2.27 17.69 21.39
C2 MPD W . 2.72 17.00 20.11
O2 MPD W . 2.81 17.96 19.02
CM MPD W . 1.63 16.00 19.77
C3 MPD W . 4.03 16.23 20.30
C4 MPD W . 5.31 17.06 20.25
O4 MPD W . 6.04 16.80 21.42
C5 MPD W . 6.17 16.74 19.03
CL CL X . 15.19 8.18 15.05
N1 ACH Y . -8.30 -1.32 24.47
C2 ACH Y . -6.90 -1.50 23.76
C3 ACH Y . -5.79 -0.55 24.33
O4 ACH Y . -5.54 1.01 23.86
C5 ACH Y . -5.34 2.10 24.72
O7 ACH Y . -4.44 2.87 24.46
C6 ACH Y . -6.16 2.18 25.99
C8 ACH Y . -8.36 -1.77 25.94
C9 ACH Y . -8.74 -0.03 24.42
C10 ACH Y . -9.54 -1.87 23.92
N1 ACH Z . -8.36 -6.44 23.48
C2 ACH Z . -7.54 -5.24 24.10
C3 ACH Z . -6.49 -5.77 25.12
O4 ACH Z . -5.62 -4.76 26.04
C5 ACH Z . -4.67 -4.88 27.05
O7 ACH Z . -5.10 -5.52 28.04
C6 ACH Z . -3.23 -4.33 26.85
C8 ACH Z . -9.17 -7.47 24.32
C9 ACH Z . -7.71 -7.52 22.80
C10 ACH Z . -9.07 -5.93 22.38
P PO4 AA . -5.39 -16.14 4.08
O1 PO4 AA . -6.72 -16.37 3.18
O2 PO4 AA . -5.13 -17.30 5.13
O3 PO4 AA . -4.13 -16.10 3.09
O4 PO4 AA . -5.57 -14.81 4.93
P PO4 BA . -8.23 -12.53 3.54
O1 PO4 BA . -9.58 -13.13 3.00
O2 PO4 BA . -7.97 -13.04 5.04
O3 PO4 BA . -7.05 -13.11 2.66
O4 PO4 BA . -8.17 -10.93 3.39
C1 MPD CA . -13.64 21.28 6.70
C2 MPD CA . -12.53 21.92 7.51
O2 MPD CA . -12.72 23.35 7.47
CM MPD CA . -11.16 21.64 6.88
C3 MPD CA . -12.64 21.42 8.96
C4 MPD CA . -11.83 22.09 10.08
O4 MPD CA . -12.71 22.42 11.14
C5 MPD CA . -10.74 21.19 10.67
C1 MPD DA . -32.90 -1.53 11.41
C2 MPD DA . -33.88 -2.60 10.88
O2 MPD DA . -34.47 -2.10 9.65
CM MPD DA . -34.98 -2.81 11.93
C3 MPD DA . -33.11 -3.91 10.63
C4 MPD DA . -33.74 -5.01 9.77
O4 MPD DA . -33.24 -4.93 8.45
C5 MPD DA . -33.46 -6.40 10.35
C1 NAG EA . -31.91 33.50 2.10
C2 NAG EA . -31.26 34.42 1.04
C3 NAG EA . -32.11 35.72 1.01
C4 NAG EA . -33.58 35.55 1.55
C5 NAG EA . -34.15 34.18 2.10
C6 NAG EA . -35.61 33.87 1.61
C7 NAG EA . -28.92 34.35 -0.13
C8 NAG EA . -27.39 34.47 0.03
N2 NAG EA . -29.74 34.51 1.05
O3 NAG EA . -32.11 36.42 -0.27
O4 NAG EA . -33.89 36.69 2.39
O5 NAG EA . -33.24 33.11 1.81
O6 NAG EA . -36.05 32.57 1.15
O7 NAG EA . -29.37 34.14 -1.29
C1 NAG FA . -36.33 36.83 0.85
C2 NAG FA . -37.01 38.00 1.57
C3 NAG FA . -37.66 38.82 0.36
C4 NAG FA . -36.53 39.38 -0.61
C5 NAG FA . -35.56 38.22 -0.96
C6 NAG FA . -34.31 38.44 -1.78
C7 NAG FA . -37.36 36.96 3.91
C8 NAG FA . -35.90 36.96 4.24
N2 NAG FA . -37.79 37.44 2.67
O3 NAG FA . -38.71 39.80 0.68
O4 NAG FA . -37.08 39.89 -1.87
O5 NAG FA . -35.20 37.44 0.19
O6 NAG FA . -33.99 37.17 -2.42
O7 NAG FA . -38.15 36.51 4.76
CL CL GA . -6.71 12.50 18.41
N1 ACH HA . -25.50 5.14 -0.40
C2 ACH HA . -24.52 4.91 0.84
C3 ACH HA . -24.69 5.97 1.99
O4 ACH HA . -23.54 7.00 2.60
C5 ACH HA . -23.55 8.39 2.98
O7 ACH HA . -22.47 8.78 3.49
C6 ACH HA . -24.82 9.29 2.80
C8 ACH HA . -26.82 5.94 -0.24
C9 ACH HA . -24.71 5.56 -1.45
C10 ACH HA . -26.16 4.15 -1.22
N1 ACH IA . -25.92 0.19 0.19
C2 ACH IA . -26.17 1.51 1.00
C3 ACH IA . -27.27 1.26 2.08
O4 ACH IA . -27.30 2.12 3.42
C5 ACH IA . -26.29 2.64 4.26
O7 ACH IA . -25.16 2.23 3.90
C6 ACH IA . -26.58 3.56 5.49
C8 ACH IA . -27.05 -0.66 -0.45
C9 ACH IA . -25.43 -0.94 0.89
C10 ACH IA . -24.87 0.46 -0.67
CL CL JA . -15.63 16.61 -2.50
P PO4 KA . -9.52 -11.84 -5.57
O1 PO4 KA . -11.06 -12.11 -5.24
O2 PO4 KA . -8.71 -12.42 -4.34
O3 PO4 KA . -8.97 -12.56 -6.86
O4 PO4 KA . -9.33 -10.28 -5.76
P PO4 LA . -9.53 -14.65 -1.59
O1 PO4 LA . -10.66 -15.63 -1.06
O2 PO4 LA . -8.46 -14.51 -0.43
O3 PO4 LA . -8.81 -15.18 -2.92
O4 PO4 LA . -10.22 -13.27 -1.93
C1 MPD MA . -5.30 23.15 -14.26
C2 MPD MA . -5.14 22.50 -12.90
O2 MPD MA . -4.37 23.36 -12.00
CM MPD MA . -4.32 21.27 -13.13
C3 MPD MA . -6.50 22.16 -12.32
C4 MPD MA . -7.19 23.30 -11.55
O4 MPD MA . -8.24 23.82 -12.34
C5 MPD MA . -7.75 22.86 -10.21
#